data_8QJ5
#
_entry.id   8QJ5
#
_cell.length_a   57.610
_cell.length_b   100.630
_cell.length_c   77.930
_cell.angle_alpha   90.00
_cell.angle_beta   96.06
_cell.angle_gamma   90.00
#
_symmetry.space_group_name_H-M   'P 1 21 1'
#
loop_
_entity.id
_entity.type
_entity.pdbx_description
1 polymer 'Glutamate 5-kinase'
2 non-polymer 'PHOSPHATE ION'
3 non-polymer 'polyethylene glycol'
4 non-polymer 'ACETATE ION'
5 non-polymer GLYCEROL
6 non-polymer 'THIOCYANATE ION'
7 non-polymer '2-(N-MORPHOLINO)-ETHANESULFONIC ACID'
8 water water
#
_entity_poly.entity_id   1
_entity_poly.type   'polypeptide(L)'
_entity_poly.pdbx_seq_one_letter_code
;SMSTSSSALSQLKNSPLAGNINYEPTVWSRADALKVNENDPTTTQPLVSADFPVMSDTVFIWDTMPLRELDGTVVSVNGW
SVILTLTADRHPDDPQYLDANGRYDIKRDWEDRHGRARMCYWYSRTGKDWIFGGRVMAEGVSPTTREWAGTPILLNDKGD
IDLYYTCVTPGAAIAKVRGRIVTSDQGVELKDFTQVKKLFEADGTYYQTEAQNSSWNFRDPSPFIDPNDGKLYMVFEGNV
AGERGSHTVGAAELGPVPPGHEDVGGARFQVGCIGLAVAKDLSGEEWEILPPLVTAVGVNDQTERPHYIFQDGKYYLFTI
SHKFTYAEGLEGPDGVYGFVGEHLFGPYRPMNASGLVLGNPPEQPFQTYSHCVMPNGLVTSFIDSVPTDGEDYRIGGTEA
PTVRIVLKGDRSFVQEEYDYGYIPAMKDVQLS
;
_entity_poly.pdbx_strand_id   A,B
#
loop_
_chem_comp.id
_chem_comp.type
_chem_comp.name
_chem_comp.formula
ACT non-polymer 'ACETATE ION' 'C2 H3 O2 -1'
GOL non-polymer GLYCEROL 'C3 H8 O3'
MES non-polymer '2-(N-MORPHOLINO)-ETHANESULFONIC ACID' 'C6 H13 N O4 S'
P4K non-polymer 'polyethylene glycol' 'C30 H62 O15'
PO4 non-polymer 'PHOSPHATE ION' 'O4 P -3'
SCN non-polymer 'THIOCYANATE ION' 'C N S -1'
#
# COMPACT_ATOMS: atom_id res chain seq x y z
N ILE A 21 1.76 10.00 -30.97
CA ILE A 21 1.95 9.79 -29.50
C ILE A 21 1.72 8.33 -29.15
N ASN A 22 2.74 7.73 -28.53
CA ASN A 22 2.70 6.34 -28.11
C ASN A 22 3.28 6.25 -26.71
N TYR A 23 2.61 5.45 -25.88
CA TYR A 23 3.08 5.10 -24.56
C TYR A 23 2.38 3.80 -24.19
N GLU A 24 3.04 2.99 -23.38
CA GLU A 24 2.47 1.75 -22.90
C GLU A 24 1.54 2.11 -21.75
N PRO A 25 0.45 1.36 -21.51
CA PRO A 25 -0.44 1.71 -20.40
C PRO A 25 0.13 1.23 -19.09
N THR A 26 -0.33 1.82 -17.98
CA THR A 26 -0.12 1.20 -16.69
C THR A 26 -1.12 0.07 -16.49
N VAL A 27 -0.62 -1.11 -16.08
CA VAL A 27 -1.48 -2.27 -15.88
C VAL A 27 -1.83 -2.33 -14.40
N TRP A 28 -3.13 -2.39 -14.10
CA TRP A 28 -3.61 -2.75 -12.77
C TRP A 28 -3.73 -4.27 -12.78
N SER A 29 -2.79 -4.99 -12.11
CA SER A 29 -2.75 -6.44 -12.25
C SER A 29 -3.60 -7.14 -11.21
N ARG A 30 -3.77 -8.45 -11.43
CA ARG A 30 -4.45 -9.28 -10.46
C ARG A 30 -3.68 -9.30 -9.14
N ALA A 31 -2.33 -9.36 -9.21
CA ALA A 31 -1.51 -9.35 -7.99
C ALA A 31 -1.77 -8.06 -7.18
N ASP A 32 -1.89 -6.94 -7.88
CA ASP A 32 -2.21 -5.69 -7.19
C ASP A 32 -3.57 -5.82 -6.47
N ALA A 33 -4.58 -6.37 -7.18
CA ALA A 33 -5.94 -6.45 -6.66
C ALA A 33 -6.05 -7.44 -5.52
N LEU A 34 -5.06 -8.38 -5.41
CA LEU A 34 -5.13 -9.28 -4.27
C LEU A 34 -4.74 -8.58 -2.95
N LYS A 35 -4.13 -7.41 -3.05
CA LYS A 35 -3.84 -6.59 -1.88
C LYS A 35 -5.07 -5.79 -1.39
N VAL A 36 -6.19 -5.80 -2.12
CA VAL A 36 -7.33 -5.00 -1.67
C VAL A 36 -7.82 -5.47 -0.31
N ASN A 37 -7.96 -4.50 0.62
CA ASN A 37 -8.45 -4.81 1.97
C ASN A 37 -9.75 -4.03 2.21
N GLU A 38 -10.89 -4.75 2.29
CA GLU A 38 -12.20 -4.12 2.49
C GLU A 38 -12.37 -3.73 3.97
N ASN A 39 -11.43 -4.12 4.82
CA ASN A 39 -11.56 -3.85 6.25
C ASN A 39 -10.53 -2.85 6.74
N ASP A 40 -10.04 -1.96 5.90
CA ASP A 40 -9.03 -1.02 6.35
C ASP A 40 -9.75 0.26 6.82
N PRO A 41 -9.61 0.73 8.09
CA PRO A 41 -10.42 1.87 8.52
C PRO A 41 -9.95 3.19 7.89
N THR A 42 -8.74 3.20 7.34
CA THR A 42 -8.25 4.41 6.67
C THR A 42 -8.85 4.56 5.26
N THR A 43 -9.50 3.52 4.72
CA THR A 43 -10.00 3.57 3.34
C THR A 43 -11.46 3.10 3.26
N THR A 44 -12.22 3.21 4.36
CA THR A 44 -13.62 2.80 4.37
C THR A 44 -14.51 4.03 4.50
N GLN A 45 -15.52 4.13 3.64
CA GLN A 45 -16.49 5.23 3.75
CA GLN A 45 -16.54 5.18 3.71
C GLN A 45 -17.31 5.02 5.02
N PRO A 46 -17.65 6.11 5.75
CA PRO A 46 -18.52 5.98 6.92
C PRO A 46 -19.92 5.43 6.56
N LEU A 47 -20.54 4.75 7.53
CA LEU A 47 -21.83 4.14 7.31
C LEU A 47 -22.91 5.21 7.10
N VAL A 48 -23.71 4.98 6.07
CA VAL A 48 -24.89 5.81 5.82
C VAL A 48 -26.00 5.36 6.77
N SER A 49 -26.68 6.36 7.37
CA SER A 49 -27.82 6.12 8.24
C SER A 49 -29.03 5.52 7.51
N ALA A 50 -29.76 4.57 8.14
CA ALA A 50 -30.92 4.03 7.46
C ALA A 50 -32.01 5.08 7.30
N ASP A 51 -31.97 6.18 8.09
CA ASP A 51 -33.05 7.18 7.98
C ASP A 51 -32.59 8.41 7.20
N PHE A 52 -31.82 8.19 6.12
CA PHE A 52 -31.35 9.31 5.33
C PHE A 52 -32.56 10.03 4.73
N PRO A 53 -32.44 11.34 4.52
CA PRO A 53 -33.47 12.11 3.83
C PRO A 53 -33.30 11.92 2.31
N VAL A 54 -34.39 12.23 1.58
CA VAL A 54 -34.39 12.09 0.13
C VAL A 54 -34.68 13.46 -0.46
N MET A 55 -33.86 13.89 -1.44
CA MET A 55 -33.96 15.25 -1.97
C MET A 55 -35.28 15.46 -2.72
N SER A 56 -35.85 14.39 -3.30
CA SER A 56 -37.05 14.52 -4.12
C SER A 56 -37.95 13.31 -3.97
N ASP A 57 -39.25 13.57 -3.84
CA ASP A 57 -40.16 12.44 -3.84
C ASP A 57 -40.69 12.18 -5.25
N THR A 58 -40.25 12.98 -6.25
CA THR A 58 -40.73 12.76 -7.61
C THR A 58 -39.63 12.29 -8.57
N VAL A 59 -38.35 12.59 -8.27
CA VAL A 59 -37.28 12.09 -9.15
C VAL A 59 -36.24 11.35 -8.32
N PHE A 60 -35.60 10.36 -8.96
CA PHE A 60 -34.35 9.78 -8.48
C PHE A 60 -33.20 10.59 -9.08
N ILE A 61 -32.13 10.79 -8.29
CA ILE A 61 -30.91 11.34 -8.88
C ILE A 61 -29.80 10.34 -8.54
N TRP A 62 -28.72 10.44 -9.31
CA TRP A 62 -27.59 9.57 -9.03
C TRP A 62 -26.29 10.31 -9.33
N ASP A 63 -25.55 9.95 -10.39
CA ASP A 63 -24.28 10.59 -10.77
C ASP A 63 -24.38 12.10 -10.63
N THR A 64 -23.55 12.70 -9.77
CA THR A 64 -23.64 14.13 -9.51
C THR A 64 -22.36 14.78 -10.03
N MET A 65 -22.54 15.93 -10.70
CA MET A 65 -21.47 16.59 -11.47
C MET A 65 -21.33 18.05 -11.06
N PRO A 66 -20.40 18.43 -10.14
CA PRO A 66 -20.28 19.86 -9.75
C PRO A 66 -19.78 20.76 -10.89
N LEU A 67 -20.32 21.98 -10.93
CA LEU A 67 -19.79 22.98 -11.86
C LEU A 67 -18.33 23.30 -11.53
N ARG A 68 -17.45 23.21 -12.55
CA ARG A 68 -16.06 23.50 -12.24
C ARG A 68 -15.36 24.17 -13.41
N GLU A 69 -14.13 24.59 -13.14
CA GLU A 69 -13.27 25.16 -14.17
C GLU A 69 -12.42 24.02 -14.76
N LEU A 70 -11.75 24.28 -15.88
CA LEU A 70 -10.90 23.29 -16.52
C LEU A 70 -9.68 22.94 -15.66
N ASP A 71 -9.34 23.78 -14.68
CA ASP A 71 -8.24 23.39 -13.80
C ASP A 71 -8.72 22.51 -12.63
N GLY A 72 -10.04 22.27 -12.51
CA GLY A 72 -10.50 21.37 -11.47
C GLY A 72 -11.31 22.07 -10.37
N THR A 73 -11.14 23.38 -10.24
CA THR A 73 -11.76 24.13 -9.16
C THR A 73 -13.28 24.09 -9.27
N VAL A 74 -13.95 23.70 -8.17
CA VAL A 74 -15.39 23.69 -8.05
C VAL A 74 -15.85 25.12 -7.76
N VAL A 75 -16.78 25.64 -8.56
CA VAL A 75 -17.05 27.08 -8.48
C VAL A 75 -18.53 27.31 -8.24
N SER A 76 -18.78 28.37 -7.45
CA SER A 76 -20.09 29.02 -7.45
C SER A 76 -20.11 30.20 -8.42
N VAL A 77 -21.32 30.67 -8.76
CA VAL A 77 -21.45 31.80 -9.67
C VAL A 77 -22.41 32.80 -9.02
N ASN A 78 -21.92 34.03 -8.79
CA ASN A 78 -22.68 35.07 -8.08
C ASN A 78 -23.17 34.51 -6.74
N GLY A 79 -22.34 33.67 -6.11
CA GLY A 79 -22.64 33.15 -4.78
C GLY A 79 -23.58 31.93 -4.79
N TRP A 80 -23.94 31.40 -5.98
CA TRP A 80 -24.77 30.20 -6.06
C TRP A 80 -23.92 28.98 -6.43
N SER A 81 -24.02 27.92 -5.61
CA SER A 81 -23.44 26.63 -6.02
C SER A 81 -24.39 25.96 -7.00
N VAL A 82 -23.83 25.20 -7.95
CA VAL A 82 -24.61 24.57 -9.01
C VAL A 82 -24.09 23.14 -9.20
N ILE A 83 -25.01 22.17 -9.16
CA ILE A 83 -24.63 20.81 -9.54
C ILE A 83 -25.55 20.31 -10.67
N LEU A 84 -25.00 19.41 -11.49
CA LEU A 84 -25.85 18.68 -12.45
C LEU A 84 -26.03 17.26 -11.91
N THR A 85 -27.20 16.66 -12.19
CA THR A 85 -27.44 15.27 -11.79
C THR A 85 -28.04 14.48 -12.96
N LEU A 86 -27.66 13.21 -13.10
CA LEU A 86 -28.51 12.28 -13.86
C LEU A 86 -29.79 12.06 -13.04
N THR A 87 -30.93 12.08 -13.74
CA THR A 87 -32.24 12.18 -13.12
C THR A 87 -33.24 11.27 -13.86
N ALA A 88 -34.15 10.60 -13.13
CA ALA A 88 -35.19 9.78 -13.74
C ALA A 88 -36.43 9.90 -12.86
N ASP A 89 -37.65 9.80 -13.44
CA ASP A 89 -38.81 9.97 -12.57
C ASP A 89 -39.01 8.75 -11.67
N ARG A 90 -39.61 9.02 -10.51
CA ARG A 90 -40.12 7.96 -9.64
C ARG A 90 -41.55 7.64 -10.08
N HIS A 91 -41.96 6.37 -9.90
CA HIS A 91 -43.26 5.89 -10.39
C HIS A 91 -44.04 5.13 -9.31
N PRO A 92 -44.26 5.72 -8.11
CA PRO A 92 -44.85 4.99 -6.98
C PRO A 92 -46.30 4.58 -7.19
N ASP A 93 -46.99 5.32 -8.05
CA ASP A 93 -48.42 5.14 -8.18
C ASP A 93 -48.69 4.49 -9.52
N ASP A 94 -47.67 3.90 -10.14
CA ASP A 94 -47.73 3.35 -11.48
C ASP A 94 -48.02 1.84 -11.53
N PRO A 95 -49.17 1.37 -12.10
CA PRO A 95 -49.47 -0.07 -12.17
C PRO A 95 -48.35 -1.02 -12.61
N GLN A 96 -47.44 -0.56 -13.47
CA GLN A 96 -46.40 -1.49 -13.88
C GLN A 96 -45.42 -1.82 -12.73
N TYR A 97 -45.38 -0.99 -11.68
CA TYR A 97 -44.49 -1.33 -10.57
C TYR A 97 -45.31 -1.76 -9.34
N LEU A 98 -46.62 -2.07 -9.53
CA LEU A 98 -47.45 -2.39 -8.36
C LEU A 98 -47.84 -3.85 -8.46
N ASP A 99 -47.70 -4.63 -7.38
CA ASP A 99 -48.09 -6.03 -7.49
C ASP A 99 -49.56 -6.16 -7.13
N ALA A 100 -50.03 -7.42 -7.08
CA ALA A 100 -51.42 -7.72 -6.74
C ALA A 100 -51.88 -7.00 -5.47
N ASN A 101 -50.98 -6.82 -4.49
CA ASN A 101 -51.35 -6.27 -3.18
C ASN A 101 -51.19 -4.76 -3.16
N GLY A 102 -50.76 -4.19 -4.29
CA GLY A 102 -50.53 -2.75 -4.36
C GLY A 102 -49.19 -2.33 -3.77
N ARG A 103 -48.27 -3.28 -3.58
CA ARG A 103 -46.95 -2.95 -3.13
C ARG A 103 -46.14 -2.38 -4.31
N TYR A 104 -45.36 -1.33 -4.04
CA TYR A 104 -44.57 -0.65 -5.06
C TYR A 104 -43.18 -1.27 -5.16
N ASP A 105 -42.82 -1.76 -6.35
CA ASP A 105 -41.51 -2.33 -6.57
C ASP A 105 -40.49 -1.21 -6.88
N ILE A 106 -40.09 -0.45 -5.85
CA ILE A 106 -39.15 0.66 -6.01
C ILE A 106 -37.81 0.16 -6.56
N LYS A 107 -37.39 -1.07 -6.16
CA LYS A 107 -36.10 -1.56 -6.61
C LYS A 107 -36.08 -1.62 -8.14
N ARG A 108 -37.16 -2.14 -8.74
CA ARG A 108 -37.20 -2.26 -10.20
C ARG A 108 -37.30 -0.88 -10.88
N ASP A 109 -38.07 0.03 -10.28
CA ASP A 109 -38.20 1.42 -10.77
C ASP A 109 -36.80 2.07 -10.81
N TRP A 110 -36.05 1.86 -9.72
CA TRP A 110 -34.70 2.39 -9.56
C TRP A 110 -33.75 1.78 -10.59
N GLU A 111 -33.87 0.45 -10.83
CA GLU A 111 -33.00 -0.23 -11.77
C GLU A 111 -33.30 0.23 -13.21
N ASP A 112 -34.53 0.69 -13.44
CA ASP A 112 -34.97 1.16 -14.76
C ASP A 112 -34.50 2.60 -15.06
N ARG A 113 -33.79 3.24 -14.10
CA ARG A 113 -33.43 4.66 -14.25
C ARG A 113 -32.59 4.86 -15.50
N HIS A 114 -31.73 3.88 -15.85
CA HIS A 114 -30.64 4.21 -16.78
C HIS A 114 -31.21 4.53 -18.15
N GLY A 115 -32.28 3.84 -18.52
CA GLY A 115 -32.90 4.09 -19.81
C GLY A 115 -33.69 5.40 -19.86
N ARG A 116 -33.94 6.04 -18.71
CA ARG A 116 -34.74 7.26 -18.64
C ARG A 116 -33.86 8.46 -18.27
N ALA A 117 -32.55 8.25 -18.17
CA ALA A 117 -31.65 9.25 -17.63
C ALA A 117 -31.69 10.56 -18.42
N ARG A 118 -31.90 11.68 -17.71
CA ARG A 118 -31.74 13.00 -18.31
CA ARG A 118 -31.78 13.01 -18.29
C ARG A 118 -30.94 13.88 -17.36
N MET A 119 -30.26 14.91 -17.92
CA MET A 119 -29.46 15.82 -17.13
CA MET A 119 -29.46 15.79 -17.09
C MET A 119 -30.37 16.91 -16.54
N CYS A 120 -30.33 17.09 -15.22
CA CYS A 120 -30.98 18.23 -14.57
C CYS A 120 -29.96 19.01 -13.75
N TYR A 121 -30.35 20.20 -13.32
CA TYR A 121 -29.48 20.99 -12.45
C TYR A 121 -30.21 21.42 -11.19
N TRP A 122 -29.37 21.67 -10.17
CA TRP A 122 -29.81 22.13 -8.87
C TRP A 122 -28.90 23.28 -8.42
N TYR A 123 -29.40 24.08 -7.47
CA TYR A 123 -28.58 25.20 -7.02
C TYR A 123 -28.82 25.52 -5.55
N SER A 124 -27.88 26.28 -4.96
CA SER A 124 -27.95 26.61 -3.53
C SER A 124 -26.90 27.66 -3.20
N ARG A 125 -27.27 28.58 -2.27
CA ARG A 125 -26.35 29.53 -1.68
C ARG A 125 -25.37 28.84 -0.72
N THR A 126 -25.73 27.67 -0.19
CA THR A 126 -24.99 27.10 0.94
C THR A 126 -24.19 25.85 0.57
N GLY A 127 -24.32 25.36 -0.66
CA GLY A 127 -23.62 24.09 -0.96
C GLY A 127 -24.40 22.84 -0.53
N LYS A 128 -25.68 23.00 -0.10
CA LYS A 128 -26.54 21.89 0.31
C LYS A 128 -27.99 22.37 0.32
N ASP A 129 -28.95 21.51 0.69
CA ASP A 129 -30.36 21.87 0.58
C ASP A 129 -30.72 22.33 -0.83
N TRP A 130 -30.36 21.51 -1.80
CA TRP A 130 -30.39 21.86 -3.20
C TRP A 130 -31.80 22.15 -3.68
N ILE A 131 -31.88 23.19 -4.50
CA ILE A 131 -33.14 23.60 -5.12
C ILE A 131 -33.13 23.11 -6.55
N PHE A 132 -34.22 22.44 -6.93
CA PHE A 132 -34.31 21.86 -8.27
C PHE A 132 -34.42 22.96 -9.33
N GLY A 133 -33.58 22.90 -10.35
CA GLY A 133 -33.63 23.87 -11.44
C GLY A 133 -34.24 23.34 -12.73
N GLY A 134 -34.43 22.03 -12.87
CA GLY A 134 -35.06 21.52 -14.08
C GLY A 134 -34.05 20.93 -15.07
N ARG A 135 -34.52 20.58 -16.28
CA ARG A 135 -33.71 19.93 -17.29
C ARG A 135 -32.69 20.94 -17.80
N VAL A 136 -31.48 20.47 -18.12
CA VAL A 136 -30.50 21.32 -18.81
C VAL A 136 -30.91 21.58 -20.27
N MET A 137 -31.29 20.52 -20.98
CA MET A 137 -31.61 20.59 -22.41
C MET A 137 -33.09 20.27 -22.54
N ALA A 138 -33.79 20.97 -23.46
CA ALA A 138 -35.14 20.52 -23.84
C ALA A 138 -35.12 19.11 -24.42
N GLU A 139 -36.19 18.36 -24.11
CA GLU A 139 -36.41 17.06 -24.71
C GLU A 139 -36.22 17.16 -26.23
N GLY A 140 -35.45 16.22 -26.81
CA GLY A 140 -35.22 16.21 -28.26
C GLY A 140 -33.93 16.89 -28.71
N VAL A 141 -33.28 17.67 -27.82
CA VAL A 141 -32.04 18.36 -28.16
C VAL A 141 -30.94 17.30 -28.25
N SER A 142 -30.89 16.41 -27.24
CA SER A 142 -29.87 15.37 -27.26
C SER A 142 -30.09 14.41 -28.45
N PRO A 143 -29.03 14.01 -29.19
CA PRO A 143 -29.17 13.01 -30.25
C PRO A 143 -29.71 11.66 -29.79
N THR A 144 -29.50 11.33 -28.49
CA THR A 144 -30.04 10.10 -27.94
C THR A 144 -31.01 10.48 -26.82
N THR A 145 -32.01 9.64 -26.53
CA THR A 145 -32.91 9.96 -25.43
C THR A 145 -32.18 9.88 -24.09
N ARG A 146 -31.30 8.88 -23.96
CA ARG A 146 -30.49 8.79 -22.77
C ARG A 146 -29.44 9.90 -22.76
N GLU A 147 -29.28 10.60 -21.62
CA GLU A 147 -28.18 11.56 -21.47
C GLU A 147 -27.38 11.10 -20.27
N TRP A 148 -26.20 10.53 -20.53
CA TRP A 148 -25.41 9.95 -19.45
C TRP A 148 -24.30 10.91 -19.04
N ALA A 149 -23.45 10.54 -18.06
CA ALA A 149 -22.74 11.56 -17.31
C ALA A 149 -21.60 12.23 -18.09
N GLY A 150 -21.11 13.30 -17.48
CA GLY A 150 -19.92 14.00 -17.97
C GLY A 150 -19.55 15.11 -17.01
N THR A 151 -19.22 16.29 -17.56
CA THR A 151 -18.72 17.37 -16.70
C THR A 151 -19.25 18.71 -17.23
N PRO A 152 -19.81 19.59 -16.39
CA PRO A 152 -20.12 20.96 -16.81
C PRO A 152 -18.97 21.91 -16.43
N ILE A 153 -18.47 22.61 -17.45
CA ILE A 153 -17.32 23.49 -17.32
C ILE A 153 -17.79 24.92 -17.46
N LEU A 154 -17.47 25.74 -16.44
CA LEU A 154 -17.66 27.18 -16.56
C LEU A 154 -16.44 27.75 -17.28
N LEU A 155 -16.70 28.37 -18.44
CA LEU A 155 -15.66 28.75 -19.39
C LEU A 155 -15.12 30.12 -19.05
N ASN A 156 -15.98 31.04 -18.59
CA ASN A 156 -15.54 32.42 -18.48
C ASN A 156 -16.44 33.18 -17.51
N ASP A 157 -16.14 34.46 -17.28
CA ASP A 157 -16.94 35.21 -16.33
C ASP A 157 -18.12 35.88 -17.03
N LYS A 158 -18.38 35.49 -18.27
CA LYS A 158 -19.62 35.85 -18.94
C LYS A 158 -20.68 34.79 -18.66
N GLY A 159 -20.26 33.68 -18.05
CA GLY A 159 -21.24 32.66 -17.74
C GLY A 159 -21.42 31.62 -18.86
N ASP A 160 -20.51 31.57 -19.86
CA ASP A 160 -20.65 30.52 -20.86
C ASP A 160 -20.23 29.17 -20.25
N ILE A 161 -20.98 28.10 -20.61
CA ILE A 161 -20.69 26.77 -20.05
C ILE A 161 -20.56 25.76 -21.19
N ASP A 162 -19.54 24.89 -21.13
CA ASP A 162 -19.54 23.73 -22.00
C ASP A 162 -19.90 22.51 -21.14
N LEU A 163 -21.00 21.84 -21.53
CA LEU A 163 -21.37 20.58 -20.90
C LEU A 163 -20.87 19.41 -21.74
N TYR A 164 -19.88 18.67 -21.23
CA TYR A 164 -19.42 17.48 -21.89
C TYR A 164 -20.21 16.32 -21.29
N TYR A 165 -20.77 15.43 -22.12
CA TYR A 165 -21.62 14.35 -21.59
C TYR A 165 -21.58 13.18 -22.56
N THR A 166 -22.32 12.09 -22.24
CA THR A 166 -22.27 10.93 -23.10
C THR A 166 -23.67 10.70 -23.69
N CYS A 167 -23.74 10.62 -25.03
CA CYS A 167 -24.94 10.21 -25.76
C CYS A 167 -24.90 8.70 -25.99
N VAL A 168 -25.91 7.97 -25.48
CA VAL A 168 -25.90 6.53 -25.55
C VAL A 168 -27.21 6.02 -26.11
N THR A 169 -27.13 5.04 -27.03
CA THR A 169 -28.18 4.17 -27.59
C THR A 169 -29.03 4.96 -28.57
N PRO A 170 -28.88 4.76 -29.90
CA PRO A 170 -27.87 3.84 -30.46
C PRO A 170 -26.43 4.34 -30.32
N GLY A 171 -25.47 3.41 -30.08
CA GLY A 171 -24.04 3.70 -30.04
C GLY A 171 -23.66 4.40 -28.72
N ALA A 172 -22.47 5.01 -28.68
CA ALA A 172 -22.07 5.76 -27.49
C ALA A 172 -21.05 6.78 -27.96
N ALA A 173 -21.37 8.06 -27.78
CA ALA A 173 -20.42 9.10 -28.19
C ALA A 173 -20.22 10.07 -27.04
N ILE A 174 -18.98 10.56 -26.89
CA ILE A 174 -18.71 11.68 -26.01
C ILE A 174 -19.04 12.93 -26.81
N ALA A 175 -19.80 13.83 -26.19
CA ALA A 175 -20.38 14.96 -26.90
C ALA A 175 -20.23 16.21 -26.04
N LYS A 176 -20.56 17.38 -26.62
CA LYS A 176 -20.60 18.58 -25.79
C LYS A 176 -21.74 19.45 -26.30
N VAL A 177 -22.17 20.33 -25.42
CA VAL A 177 -23.24 21.28 -25.75
C VAL A 177 -22.94 22.55 -24.98
N ARG A 178 -22.94 23.70 -25.70
CA ARG A 178 -22.63 24.98 -25.10
C ARG A 178 -23.90 25.67 -24.65
N GLY A 179 -23.87 26.30 -23.48
CA GLY A 179 -25.00 27.07 -23.01
C GLY A 179 -24.48 28.16 -22.08
N ARG A 180 -25.32 28.65 -21.18
CA ARG A 180 -24.92 29.74 -20.33
C ARG A 180 -25.66 29.64 -19.00
N ILE A 181 -25.07 30.22 -17.95
CA ILE A 181 -25.79 30.36 -16.69
C ILE A 181 -26.08 31.85 -16.50
N VAL A 182 -27.30 32.12 -16.04
CA VAL A 182 -27.64 33.45 -15.56
C VAL A 182 -28.18 33.31 -14.14
N THR A 183 -27.92 34.32 -13.29
CA THR A 183 -28.44 34.23 -11.95
C THR A 183 -29.13 35.54 -11.56
N SER A 184 -29.92 35.44 -10.50
CA SER A 184 -30.52 36.54 -9.76
C SER A 184 -30.53 36.20 -8.27
N ASP A 185 -31.08 37.10 -7.41
CA ASP A 185 -31.14 36.84 -5.98
C ASP A 185 -32.10 35.69 -5.68
N GLN A 186 -32.87 35.27 -6.69
CA GLN A 186 -33.92 34.27 -6.53
C GLN A 186 -33.43 32.88 -6.94
N GLY A 187 -32.42 32.78 -7.80
CA GLY A 187 -31.92 31.45 -8.12
C GLY A 187 -31.06 31.47 -9.38
N VAL A 188 -30.93 30.30 -10.04
CA VAL A 188 -30.08 30.13 -11.20
C VAL A 188 -30.92 29.59 -12.35
N GLU A 189 -30.57 30.00 -13.59
CA GLU A 189 -31.06 29.30 -14.77
C GLU A 189 -29.89 28.87 -15.62
N LEU A 190 -30.02 27.68 -16.23
CA LEU A 190 -29.11 27.29 -17.29
C LEU A 190 -29.92 27.37 -18.59
N LYS A 191 -29.40 28.08 -19.59
CA LYS A 191 -30.19 28.33 -20.79
C LYS A 191 -29.35 28.11 -22.02
N ASP A 192 -30.07 27.96 -23.14
CA ASP A 192 -29.49 28.00 -24.48
C ASP A 192 -28.60 26.79 -24.76
N PHE A 193 -28.87 25.67 -24.09
CA PHE A 193 -28.18 24.43 -24.47
C PHE A 193 -29.00 23.73 -25.56
N THR A 194 -28.72 24.09 -26.80
CA THR A 194 -29.63 23.74 -27.88
C THR A 194 -28.98 22.99 -29.04
N GLN A 195 -27.64 22.95 -29.10
CA GLN A 195 -27.00 22.19 -30.17
C GLN A 195 -25.90 21.28 -29.65
N VAL A 196 -26.13 19.97 -29.77
CA VAL A 196 -25.13 19.02 -29.28
C VAL A 196 -24.18 18.71 -30.42
N LYS A 197 -22.87 18.70 -30.12
CA LYS A 197 -21.89 18.24 -31.08
C LYS A 197 -21.21 16.96 -30.55
N LYS A 198 -21.35 15.88 -31.30
CA LYS A 198 -20.59 14.67 -31.00
C LYS A 198 -19.12 14.90 -31.23
N LEU A 199 -18.26 14.40 -30.31
CA LEU A 199 -16.82 14.64 -30.40
C LEU A 199 -16.04 13.40 -30.87
N PHE A 200 -16.30 12.25 -30.26
CA PHE A 200 -15.63 11.02 -30.65
C PHE A 200 -16.36 9.83 -30.04
N GLU A 201 -16.10 8.63 -30.59
CA GLU A 201 -16.66 7.39 -30.11
C GLU A 201 -15.53 6.36 -30.07
N ALA A 202 -15.84 5.15 -29.62
CA ALA A 202 -14.77 4.14 -29.52
C ALA A 202 -14.28 3.77 -30.93
N ASP A 203 -12.99 3.47 -31.04
CA ASP A 203 -12.36 3.35 -32.36
C ASP A 203 -12.13 1.91 -32.77
N GLY A 204 -11.80 1.00 -31.84
CA GLY A 204 -11.66 -0.40 -32.19
C GLY A 204 -10.21 -0.87 -32.16
N THR A 205 -9.26 0.08 -32.18
CA THR A 205 -7.83 -0.21 -32.06
C THR A 205 -7.32 0.05 -30.63
N TYR A 206 -7.68 1.20 -30.06
CA TYR A 206 -7.37 1.47 -28.67
C TYR A 206 -8.54 1.06 -27.76
N TYR A 207 -9.76 1.53 -28.06
CA TYR A 207 -10.92 1.27 -27.21
C TYR A 207 -11.93 0.36 -27.90
N GLN A 208 -12.52 -0.53 -27.09
CA GLN A 208 -13.46 -1.53 -27.60
C GLN A 208 -14.73 -0.86 -28.13
N THR A 209 -15.24 -1.44 -29.22
CA THR A 209 -16.40 -0.87 -29.89
C THR A 209 -17.65 -1.72 -29.66
N GLU A 210 -18.83 -1.19 -30.05
CA GLU A 210 -20.07 -1.95 -29.94
C GLU A 210 -19.99 -3.25 -30.80
N ALA A 211 -19.34 -3.22 -31.96
CA ALA A 211 -19.31 -4.38 -32.82
C ALA A 211 -18.45 -5.49 -32.17
N GLN A 212 -17.50 -5.08 -31.31
CA GLN A 212 -16.62 -6.06 -30.63
C GLN A 212 -17.30 -6.60 -29.35
N ASN A 213 -18.22 -5.80 -28.78
CA ASN A 213 -18.86 -6.11 -27.51
C ASN A 213 -20.08 -5.21 -27.33
N SER A 214 -21.28 -5.81 -27.37
CA SER A 214 -22.47 -4.95 -27.26
C SER A 214 -22.63 -4.41 -25.84
N SER A 215 -21.82 -4.91 -24.90
CA SER A 215 -21.77 -4.33 -23.55
C SER A 215 -20.55 -3.42 -23.37
N TRP A 216 -19.95 -3.01 -24.49
CA TRP A 216 -18.86 -2.04 -24.37
C TRP A 216 -19.16 -0.84 -23.46
N ASN A 217 -18.10 -0.39 -22.75
CA ASN A 217 -18.19 0.79 -21.90
C ASN A 217 -17.44 1.92 -22.61
N PHE A 218 -18.11 3.06 -22.82
CA PHE A 218 -17.46 4.21 -23.42
C PHE A 218 -18.25 5.43 -22.98
N ARG A 219 -17.76 6.15 -21.96
CA ARG A 219 -18.59 7.22 -21.38
C ARG A 219 -17.79 8.04 -20.36
N ASP A 220 -18.45 9.08 -19.82
CA ASP A 220 -18.04 9.87 -18.67
C ASP A 220 -16.83 10.75 -18.97
N PRO A 221 -16.93 11.78 -19.83
CA PRO A 221 -15.77 12.65 -20.09
C PRO A 221 -15.43 13.56 -18.92
N SER A 222 -14.13 13.67 -18.64
CA SER A 222 -13.64 14.58 -17.60
C SER A 222 -12.53 15.43 -18.22
N PRO A 223 -12.84 16.66 -18.69
CA PRO A 223 -11.84 17.48 -19.41
C PRO A 223 -11.00 18.27 -18.38
N PHE A 224 -9.73 18.60 -18.73
CA PHE A 224 -8.93 19.39 -17.81
C PHE A 224 -7.82 20.04 -18.65
N ILE A 225 -7.22 21.10 -18.09
CA ILE A 225 -5.97 21.65 -18.62
C ILE A 225 -4.82 20.99 -17.87
N ASP A 226 -3.87 20.42 -18.61
CA ASP A 226 -2.76 19.76 -17.93
C ASP A 226 -1.85 20.79 -17.24
N PRO A 227 -1.49 20.61 -15.95
CA PRO A 227 -0.65 21.59 -15.23
C PRO A 227 0.76 21.71 -15.82
N ASN A 228 1.18 20.71 -16.59
CA ASN A 228 2.56 20.72 -17.06
C ASN A 228 2.65 21.26 -18.49
N ASP A 229 1.86 20.78 -19.44
CA ASP A 229 2.02 21.33 -20.79
C ASP A 229 0.95 22.35 -21.18
N GLY A 230 -0.06 22.55 -20.33
CA GLY A 230 -1.14 23.52 -20.53
C GLY A 230 -2.14 23.15 -21.63
N LYS A 231 -2.04 21.96 -22.24
CA LYS A 231 -2.99 21.54 -23.26
C LYS A 231 -4.29 21.06 -22.60
N LEU A 232 -5.38 21.04 -23.38
CA LEU A 232 -6.69 20.54 -22.97
C LEU A 232 -6.81 19.06 -23.33
N TYR A 233 -7.04 18.22 -22.29
CA TYR A 233 -7.14 16.78 -22.40
C TYR A 233 -8.49 16.38 -21.80
N MET A 234 -8.88 15.11 -21.98
CA MET A 234 -9.95 14.58 -21.14
C MET A 234 -9.64 13.12 -20.84
N VAL A 235 -10.04 12.66 -19.65
CA VAL A 235 -10.06 11.22 -19.46
C VAL A 235 -11.53 10.74 -19.48
N PHE A 236 -11.69 9.44 -19.74
CA PHE A 236 -13.03 8.86 -19.86
C PHE A 236 -12.93 7.36 -19.63
N GLU A 237 -14.10 6.77 -19.37
CA GLU A 237 -14.11 5.32 -19.21
C GLU A 237 -14.15 4.68 -20.61
N GLY A 238 -13.27 3.71 -20.78
CA GLY A 238 -13.29 2.83 -21.96
C GLY A 238 -13.18 1.35 -21.58
N ASN A 239 -13.12 0.50 -22.61
CA ASN A 239 -12.61 -0.86 -22.46
C ASN A 239 -11.48 -1.08 -23.45
N VAL A 240 -10.53 -1.97 -23.10
CA VAL A 240 -9.43 -2.27 -24.01
C VAL A 240 -10.01 -2.91 -25.29
N ALA A 241 -9.58 -2.42 -26.45
CA ALA A 241 -10.11 -2.90 -27.73
C ALA A 241 -9.87 -4.37 -27.95
N GLY A 242 -10.83 -5.00 -28.67
CA GLY A 242 -10.73 -6.40 -29.05
C GLY A 242 -12.08 -7.10 -28.93
N GLU A 243 -12.30 -8.07 -29.80
CA GLU A 243 -13.52 -8.87 -29.72
C GLU A 243 -13.73 -9.45 -28.33
N ARG A 244 -14.97 -9.39 -27.84
CA ARG A 244 -15.30 -9.97 -26.54
C ARG A 244 -14.78 -11.39 -26.46
N GLY A 245 -13.99 -11.66 -25.42
CA GLY A 245 -13.53 -13.02 -25.20
C GLY A 245 -12.16 -13.29 -25.82
N SER A 246 -11.61 -12.34 -26.56
CA SER A 246 -10.34 -12.54 -27.25
C SER A 246 -9.10 -12.08 -26.46
N HIS A 247 -9.31 -11.27 -25.40
CA HIS A 247 -8.18 -10.64 -24.73
C HIS A 247 -7.34 -11.69 -24.01
N THR A 248 -6.04 -11.43 -23.86
CA THR A 248 -5.25 -12.44 -23.15
C THR A 248 -4.97 -11.93 -21.74
N VAL A 249 -5.11 -12.82 -20.76
CA VAL A 249 -4.67 -12.56 -19.41
C VAL A 249 -3.32 -13.27 -19.26
N GLY A 250 -2.25 -12.55 -19.59
CA GLY A 250 -0.93 -13.14 -19.52
C GLY A 250 -0.15 -12.58 -18.33
N ALA A 251 1.19 -12.60 -18.43
CA ALA A 251 2.04 -12.24 -17.29
C ALA A 251 1.73 -10.85 -16.75
N ALA A 252 1.60 -9.86 -17.66
CA ALA A 252 1.45 -8.48 -17.24
C ALA A 252 0.15 -8.33 -16.45
N GLU A 253 -0.91 -8.97 -16.96
CA GLU A 253 -2.23 -8.87 -16.37
C GLU A 253 -2.33 -9.63 -15.04
N LEU A 254 -1.62 -10.77 -14.96
CA LEU A 254 -1.66 -11.54 -13.74
C LEU A 254 -0.85 -10.85 -12.66
N GLY A 255 0.32 -10.31 -13.06
CA GLY A 255 1.25 -9.79 -12.06
C GLY A 255 1.89 -10.91 -11.24
N PRO A 256 2.68 -10.53 -10.21
CA PRO A 256 3.41 -11.51 -9.39
C PRO A 256 2.56 -12.11 -8.28
N VAL A 257 1.54 -12.87 -8.72
CA VAL A 257 0.62 -13.53 -7.82
C VAL A 257 1.38 -14.53 -6.97
N PRO A 258 0.95 -14.78 -5.72
CA PRO A 258 1.61 -15.78 -4.88
C PRO A 258 1.16 -17.18 -5.31
N PRO A 259 1.82 -18.26 -4.83
CA PRO A 259 1.37 -19.63 -5.08
C PRO A 259 -0.10 -19.87 -4.76
N GLY A 260 -0.79 -20.52 -5.70
CA GLY A 260 -2.16 -20.92 -5.48
C GLY A 260 -3.15 -19.89 -6.02
N HIS A 261 -2.62 -18.83 -6.67
CA HIS A 261 -3.48 -17.82 -7.31
C HIS A 261 -3.23 -17.76 -8.81
N GLU A 262 -2.88 -18.89 -9.45
CA GLU A 262 -2.63 -18.89 -10.88
C GLU A 262 -3.88 -19.01 -11.77
N ASP A 263 -5.02 -19.44 -11.23
CA ASP A 263 -6.19 -19.72 -12.05
C ASP A 263 -6.92 -18.40 -12.28
N VAL A 264 -7.24 -18.10 -13.53
CA VAL A 264 -8.00 -16.87 -13.79
C VAL A 264 -9.45 -17.11 -14.24
N GLY A 265 -9.85 -18.38 -14.42
CA GLY A 265 -11.22 -18.61 -14.89
C GLY A 265 -11.54 -17.78 -16.15
N GLY A 266 -12.66 -17.06 -16.11
CA GLY A 266 -13.13 -16.31 -17.27
C GLY A 266 -12.73 -14.85 -17.19
N ALA A 267 -11.62 -14.57 -16.49
CA ALA A 267 -11.15 -13.20 -16.27
C ALA A 267 -10.96 -12.45 -17.59
N ARG A 268 -10.80 -13.14 -18.74
CA ARG A 268 -10.49 -12.38 -19.95
C ARG A 268 -11.73 -11.59 -20.45
N PHE A 269 -12.88 -11.81 -19.84
CA PHE A 269 -14.10 -11.07 -20.19
C PHE A 269 -14.17 -9.71 -19.48
N GLN A 270 -13.27 -9.45 -18.53
CA GLN A 270 -13.27 -8.17 -17.82
C GLN A 270 -12.13 -7.33 -18.38
N VAL A 271 -12.50 -6.18 -18.99
CA VAL A 271 -11.51 -5.45 -19.81
C VAL A 271 -11.61 -3.93 -19.67
N GLY A 272 -11.78 -3.41 -18.44
CA GLY A 272 -11.93 -1.97 -18.26
C GLY A 272 -10.60 -1.22 -18.51
N CYS A 273 -10.74 0.06 -18.85
CA CYS A 273 -9.58 0.94 -18.96
C CYS A 273 -10.03 2.37 -18.76
N ILE A 274 -9.02 3.19 -18.38
CA ILE A 274 -9.17 4.64 -18.39
C ILE A 274 -8.51 5.17 -19.66
N GLY A 275 -9.30 5.88 -20.45
CA GLY A 275 -8.92 6.41 -21.73
C GLY A 275 -8.52 7.88 -21.61
N LEU A 276 -7.77 8.35 -22.62
CA LEU A 276 -7.31 9.72 -22.73
C LEU A 276 -7.52 10.26 -24.15
N ALA A 277 -7.90 11.55 -24.26
CA ALA A 277 -8.02 12.24 -25.54
C ALA A 277 -7.43 13.64 -25.38
N VAL A 278 -6.99 14.24 -26.50
CA VAL A 278 -6.42 15.57 -26.45
C VAL A 278 -7.11 16.46 -27.47
N ALA A 279 -7.30 17.72 -27.07
CA ALA A 279 -8.03 18.63 -27.97
C ALA A 279 -7.03 19.27 -28.93
N LYS A 280 -7.47 19.57 -30.16
CA LYS A 280 -6.64 20.27 -31.13
C LYS A 280 -6.22 21.65 -30.61
N ASP A 281 -7.07 22.35 -29.85
CA ASP A 281 -6.71 23.59 -29.19
C ASP A 281 -7.64 23.76 -27.99
N LEU A 282 -7.48 24.89 -27.27
CA LEU A 282 -8.09 25.10 -25.96
C LEU A 282 -9.61 25.31 -26.05
N SER A 283 -10.16 25.43 -27.26
CA SER A 283 -11.61 25.57 -27.47
C SER A 283 -12.31 24.22 -27.28
N GLY A 284 -11.56 23.12 -27.41
CA GLY A 284 -12.16 21.82 -27.16
C GLY A 284 -13.26 21.45 -28.16
N GLU A 285 -13.08 21.87 -29.41
CA GLU A 285 -14.07 21.62 -30.44
C GLU A 285 -13.68 20.41 -31.28
N GLU A 286 -12.40 20.03 -31.26
CA GLU A 286 -11.91 18.90 -32.05
C GLU A 286 -10.93 18.12 -31.19
N TRP A 287 -11.12 16.80 -31.18
CA TRP A 287 -10.37 15.92 -30.28
C TRP A 287 -9.70 14.79 -31.06
N GLU A 288 -8.59 14.29 -30.50
CA GLU A 288 -7.89 13.13 -31.02
C GLU A 288 -7.74 12.11 -29.89
N ILE A 289 -8.06 10.83 -30.15
CA ILE A 289 -7.96 9.86 -29.07
C ILE A 289 -6.51 9.41 -28.91
N LEU A 290 -6.10 9.19 -27.66
CA LEU A 290 -4.79 8.66 -27.31
C LEU A 290 -4.96 7.26 -26.74
N PRO A 291 -3.87 6.47 -26.61
CA PRO A 291 -3.96 5.11 -26.11
C PRO A 291 -4.33 5.05 -24.62
N PRO A 292 -4.86 3.92 -24.16
CA PRO A 292 -5.29 3.80 -22.76
C PRO A 292 -4.19 4.15 -21.77
N LEU A 293 -4.57 4.82 -20.68
CA LEU A 293 -3.62 5.21 -19.64
C LEU A 293 -3.47 4.10 -18.62
N VAL A 294 -4.61 3.50 -18.22
CA VAL A 294 -4.58 2.48 -17.18
C VAL A 294 -5.52 1.36 -17.61
N THR A 295 -5.03 0.11 -17.57
CA THR A 295 -5.86 -0.99 -18.04
C THR A 295 -6.06 -2.01 -16.93
N ALA A 296 -7.20 -2.74 -16.99
CA ALA A 296 -7.58 -3.65 -15.93
C ALA A 296 -8.09 -4.98 -16.50
N VAL A 297 -7.49 -5.42 -17.63
CA VAL A 297 -7.83 -6.69 -18.24
C VAL A 297 -7.56 -7.84 -17.26
N GLY A 298 -8.58 -8.67 -17.03
CA GLY A 298 -8.38 -9.79 -16.13
C GLY A 298 -8.62 -9.40 -14.67
N VAL A 299 -9.10 -8.16 -14.46
CA VAL A 299 -9.21 -7.60 -13.12
C VAL A 299 -10.60 -7.02 -12.92
N ASN A 300 -11.00 -6.05 -13.74
CA ASN A 300 -12.31 -5.44 -13.51
C ASN A 300 -12.81 -4.87 -14.85
N ASP A 301 -14.12 -5.05 -15.11
CA ASP A 301 -14.67 -4.59 -16.39
C ASP A 301 -14.97 -3.09 -16.43
N GLN A 302 -15.10 -2.43 -15.27
CA GLN A 302 -15.62 -1.07 -15.19
C GLN A 302 -14.70 -0.17 -14.39
N THR A 303 -13.90 0.66 -15.07
CA THR A 303 -13.20 1.72 -14.36
C THR A 303 -13.92 3.03 -14.74
N GLU A 304 -14.90 3.42 -13.92
CA GLU A 304 -15.89 4.43 -14.29
C GLU A 304 -15.45 5.82 -13.85
N ARG A 305 -16.12 6.85 -14.39
CA ARG A 305 -15.95 8.24 -13.99
C ARG A 305 -14.51 8.59 -13.60
N PRO A 306 -13.49 8.42 -14.47
CA PRO A 306 -12.12 8.76 -14.10
C PRO A 306 -11.98 10.28 -14.00
N HIS A 307 -11.21 10.75 -13.01
CA HIS A 307 -11.01 12.18 -12.83
C HIS A 307 -9.74 12.42 -12.02
N TYR A 308 -9.10 13.62 -12.21
CA TYR A 308 -7.83 13.92 -11.55
C TYR A 308 -7.94 14.92 -10.40
N ILE A 309 -7.02 14.77 -9.43
CA ILE A 309 -6.61 15.88 -8.57
CA ILE A 309 -6.60 15.87 -8.56
C ILE A 309 -5.14 16.12 -8.89
N PHE A 310 -4.75 17.40 -9.06
CA PHE A 310 -3.32 17.69 -9.24
C PHE A 310 -2.79 18.28 -7.94
N GLN A 311 -1.85 17.60 -7.26
CA GLN A 311 -1.45 18.03 -5.92
C GLN A 311 0.00 17.58 -5.67
N ASP A 312 0.84 18.44 -5.05
CA ASP A 312 2.15 18.03 -4.57
CA ASP A 312 2.15 18.01 -4.57
C ASP A 312 3.02 17.49 -5.70
N GLY A 313 2.87 18.05 -6.91
CA GLY A 313 3.66 17.68 -8.08
C GLY A 313 3.22 16.33 -8.68
N LYS A 314 2.06 15.82 -8.24
CA LYS A 314 1.62 14.51 -8.70
C LYS A 314 0.27 14.59 -9.41
N TYR A 315 0.03 13.57 -10.25
CA TYR A 315 -1.27 13.33 -10.86
C TYR A 315 -1.96 12.22 -10.06
N TYR A 316 -3.10 12.53 -9.45
CA TYR A 316 -3.90 11.51 -8.77
C TYR A 316 -5.11 11.22 -9.64
N LEU A 317 -5.13 10.02 -10.19
CA LEU A 317 -6.17 9.67 -11.13
C LEU A 317 -7.11 8.70 -10.41
N PHE A 318 -8.35 9.14 -10.16
CA PHE A 318 -9.32 8.34 -9.41
C PHE A 318 -10.29 7.68 -10.39
N THR A 319 -10.90 6.54 -10.00
CA THR A 319 -11.87 5.90 -10.86
C THR A 319 -12.76 5.08 -9.94
N ILE A 320 -14.02 4.88 -10.32
CA ILE A 320 -14.97 4.21 -9.43
C ILE A 320 -15.21 2.82 -10.02
N SER A 321 -15.41 1.80 -9.15
CA SER A 321 -15.67 0.48 -9.68
C SER A 321 -16.59 -0.28 -8.74
N HIS A 322 -17.01 -1.47 -9.18
CA HIS A 322 -17.99 -2.28 -8.45
C HIS A 322 -17.38 -3.59 -7.98
N LYS A 323 -17.87 -4.09 -6.83
CA LYS A 323 -17.52 -5.43 -6.37
C LYS A 323 -17.87 -6.45 -7.45
N PHE A 324 -19.05 -6.30 -8.06
CA PHE A 324 -19.54 -7.31 -8.98
C PHE A 324 -19.02 -7.14 -10.40
N THR A 325 -18.15 -6.18 -10.67
CA THR A 325 -17.49 -6.16 -11.98
C THR A 325 -16.05 -6.71 -11.90
N TYR A 326 -15.62 -7.17 -10.74
CA TYR A 326 -14.35 -7.86 -10.63
C TYR A 326 -14.35 -9.19 -11.42
N ALA A 327 -13.17 -9.56 -11.93
CA ALA A 327 -12.92 -10.90 -12.47
C ALA A 327 -12.99 -11.98 -11.39
N GLU A 328 -13.28 -13.24 -11.78
CA GLU A 328 -13.24 -14.40 -10.87
C GLU A 328 -11.89 -14.48 -10.15
N GLY A 329 -11.92 -14.83 -8.87
CA GLY A 329 -10.66 -15.03 -8.15
C GLY A 329 -10.22 -13.78 -7.40
N LEU A 330 -10.93 -12.64 -7.59
CA LEU A 330 -10.61 -11.38 -6.93
C LEU A 330 -11.79 -10.90 -6.09
N GLU A 331 -11.55 -10.14 -5.04
CA GLU A 331 -12.63 -9.59 -4.24
C GLU A 331 -12.29 -8.17 -3.86
N GLY A 332 -13.24 -7.27 -4.08
CA GLY A 332 -13.02 -5.94 -3.56
C GLY A 332 -14.35 -5.21 -3.52
N PRO A 333 -14.38 -4.05 -2.87
CA PRO A 333 -15.65 -3.35 -2.64
C PRO A 333 -16.04 -2.41 -3.78
N ASP A 334 -17.31 -2.05 -3.81
CA ASP A 334 -17.67 -0.86 -4.57
C ASP A 334 -17.01 0.34 -3.92
N GLY A 335 -16.54 1.27 -4.78
CA GLY A 335 -16.06 2.54 -4.24
C GLY A 335 -15.00 3.18 -5.14
N VAL A 336 -14.17 4.04 -4.55
CA VAL A 336 -13.19 4.83 -5.28
C VAL A 336 -11.86 4.07 -5.27
N TYR A 337 -11.21 4.03 -6.45
CA TYR A 337 -9.87 3.44 -6.63
C TYR A 337 -9.01 4.57 -7.20
N GLY A 338 -7.70 4.38 -7.17
CA GLY A 338 -6.86 5.46 -7.69
C GLY A 338 -5.46 5.01 -8.05
N PHE A 339 -4.84 5.81 -8.95
CA PHE A 339 -3.51 5.56 -9.44
C PHE A 339 -2.80 6.92 -9.41
N VAL A 340 -1.48 6.90 -9.12
CA VAL A 340 -0.78 8.17 -8.94
C VAL A 340 0.53 8.12 -9.73
N GLY A 341 0.96 9.28 -10.23
CA GLY A 341 2.28 9.36 -10.82
C GLY A 341 2.73 10.80 -10.99
N GLU A 342 3.91 10.98 -11.60
CA GLU A 342 4.47 12.31 -11.79
C GLU A 342 4.26 12.83 -13.20
N HIS A 343 3.84 11.97 -14.13
CA HIS A 343 3.67 12.34 -15.53
C HIS A 343 2.31 11.92 -16.04
N LEU A 344 1.74 12.76 -16.89
CA LEU A 344 0.38 12.54 -17.39
C LEU A 344 0.29 11.20 -18.11
N PHE A 345 1.29 10.88 -18.95
CA PHE A 345 1.25 9.63 -19.69
C PHE A 345 1.75 8.44 -18.86
N GLY A 346 2.07 8.62 -17.56
CA GLY A 346 2.45 7.51 -16.71
C GLY A 346 3.96 7.31 -16.68
N PRO A 347 4.46 6.23 -16.07
CA PRO A 347 3.63 5.18 -15.47
C PRO A 347 3.02 5.62 -14.14
N TYR A 348 1.88 5.01 -13.82
CA TYR A 348 1.17 5.28 -12.57
C TYR A 348 1.39 4.10 -11.62
N ARG A 349 1.17 4.34 -10.33
CA ARG A 349 1.27 3.31 -9.28
C ARG A 349 -0.08 3.26 -8.58
N PRO A 350 -0.55 2.08 -8.13
CA PRO A 350 -1.85 2.00 -7.45
C PRO A 350 -1.81 2.66 -6.09
N MET A 351 -2.80 3.50 -5.81
CA MET A 351 -2.93 4.16 -4.50
CA MET A 351 -2.84 4.15 -4.50
C MET A 351 -3.07 3.11 -3.39
N ASN A 352 -2.42 3.35 -2.23
CA ASN A 352 -2.47 2.45 -1.09
C ASN A 352 -2.03 1.02 -1.43
N ALA A 353 -1.20 0.90 -2.48
CA ALA A 353 -0.63 -0.34 -2.99
C ALA A 353 -1.64 -1.21 -3.77
N SER A 354 -2.90 -1.33 -3.29
CA SER A 354 -3.88 -2.18 -3.92
C SER A 354 -4.65 -1.43 -5.04
N GLY A 355 -4.71 -0.09 -4.91
CA GLY A 355 -5.56 0.75 -5.75
C GLY A 355 -6.75 1.32 -4.97
N LEU A 356 -7.13 0.66 -3.87
CA LEU A 356 -8.37 1.09 -3.22
C LEU A 356 -8.17 2.37 -2.41
N VAL A 357 -9.04 3.37 -2.63
CA VAL A 357 -8.95 4.68 -1.96
C VAL A 357 -10.09 4.77 -0.95
N LEU A 358 -11.35 4.50 -1.37
CA LEU A 358 -12.41 4.58 -0.39
C LEU A 358 -13.45 3.53 -0.77
N GLY A 359 -13.54 2.45 0.02
CA GLY A 359 -14.49 1.38 -0.25
C GLY A 359 -15.71 1.46 0.67
N ASN A 360 -16.85 1.06 0.12
CA ASN A 360 -18.01 0.91 0.98
C ASN A 360 -17.71 -0.10 2.08
N PRO A 361 -18.32 0.11 3.27
CA PRO A 361 -18.13 -0.83 4.36
C PRO A 361 -18.81 -2.17 4.09
N PRO A 362 -18.17 -3.31 4.42
CA PRO A 362 -18.72 -4.61 4.09
C PRO A 362 -20.11 -4.86 4.69
N GLU A 363 -20.51 -4.12 5.73
CA GLU A 363 -21.86 -4.39 6.19
C GLU A 363 -22.91 -3.58 5.43
N GLN A 364 -22.50 -2.59 4.61
CA GLN A 364 -23.43 -1.87 3.73
C GLN A 364 -22.74 -1.70 2.38
N PRO A 365 -22.53 -2.81 1.65
CA PRO A 365 -21.56 -2.82 0.54
C PRO A 365 -21.99 -2.01 -0.66
N PHE A 366 -23.29 -1.65 -0.72
CA PHE A 366 -23.80 -0.93 -1.90
C PHE A 366 -24.38 0.40 -1.46
N GLN A 367 -23.94 0.94 -0.30
CA GLN A 367 -24.60 2.13 0.23
C GLN A 367 -24.35 3.37 -0.65
N THR A 368 -23.19 3.50 -1.31
CA THR A 368 -22.94 4.69 -2.15
C THR A 368 -22.22 4.33 -3.44
N TYR A 369 -22.30 5.22 -4.43
CA TYR A 369 -21.64 5.03 -5.72
C TYR A 369 -21.33 6.38 -6.40
N SER A 370 -20.61 6.31 -7.52
CA SER A 370 -20.27 7.42 -8.41
C SER A 370 -19.60 8.57 -7.69
N HIS A 371 -18.66 8.22 -6.81
CA HIS A 371 -17.94 9.20 -6.02
C HIS A 371 -17.19 10.17 -6.92
N CYS A 372 -17.13 11.43 -6.47
CA CYS A 372 -16.36 12.44 -7.16
C CYS A 372 -15.46 13.07 -6.08
N VAL A 373 -14.13 12.89 -6.22
CA VAL A 373 -13.13 13.43 -5.33
C VAL A 373 -12.80 14.84 -5.85
N MET A 374 -13.13 15.87 -5.06
CA MET A 374 -12.83 17.23 -5.46
C MET A 374 -11.48 17.68 -4.91
N PRO A 375 -10.83 18.71 -5.51
CA PRO A 375 -9.49 19.09 -5.07
C PRO A 375 -9.34 19.59 -3.62
N ASN A 376 -10.43 19.94 -2.96
CA ASN A 376 -10.42 20.28 -1.55
C ASN A 376 -10.42 19.02 -0.68
N GLY A 377 -10.39 17.85 -1.31
CA GLY A 377 -10.40 16.58 -0.58
C GLY A 377 -11.81 16.08 -0.27
N LEU A 378 -12.85 16.88 -0.55
CA LEU A 378 -14.16 16.36 -0.21
C LEU A 378 -14.61 15.40 -1.32
N VAL A 379 -15.36 14.37 -0.90
CA VAL A 379 -15.79 13.34 -1.84
C VAL A 379 -17.30 13.25 -1.75
N THR A 380 -17.98 13.52 -2.87
CA THR A 380 -19.42 13.42 -2.89
C THR A 380 -19.80 12.10 -3.57
N SER A 381 -20.92 11.49 -3.17
CA SER A 381 -21.43 10.27 -3.77
C SER A 381 -22.94 10.22 -3.57
N PHE A 382 -23.62 9.29 -4.30
CA PHE A 382 -25.07 9.18 -4.14
C PHE A 382 -25.36 7.88 -3.40
N ILE A 383 -26.53 7.84 -2.70
CA ILE A 383 -26.99 6.66 -1.98
C ILE A 383 -27.69 5.70 -2.95
N ASP A 384 -27.23 4.45 -2.96
CA ASP A 384 -27.84 3.37 -3.74
C ASP A 384 -28.73 2.52 -2.81
N SER A 385 -28.14 1.59 -2.04
CA SER A 385 -29.00 0.69 -1.26
C SER A 385 -28.44 0.60 0.15
N VAL A 386 -29.33 0.79 1.14
CA VAL A 386 -28.87 0.75 2.53
C VAL A 386 -29.69 -0.32 3.25
N PRO A 387 -29.03 -1.27 3.94
CA PRO A 387 -29.76 -2.34 4.65
C PRO A 387 -30.63 -1.78 5.77
N THR A 388 -31.80 -2.39 5.95
CA THR A 388 -32.72 -2.04 7.02
C THR A 388 -33.15 -3.34 7.69
N ASP A 389 -34.04 -3.27 8.68
CA ASP A 389 -34.41 -4.45 9.43
C ASP A 389 -35.00 -5.51 8.51
N GLY A 390 -34.88 -6.77 8.91
CA GLY A 390 -35.62 -7.79 8.17
C GLY A 390 -34.90 -8.19 6.90
N GLU A 391 -33.58 -7.93 6.85
CA GLU A 391 -32.74 -8.36 5.75
C GLU A 391 -33.27 -7.76 4.46
N ASP A 392 -33.82 -6.55 4.61
CA ASP A 392 -34.29 -5.80 3.47
C ASP A 392 -33.32 -4.63 3.22
N TYR A 393 -33.70 -3.73 2.32
CA TYR A 393 -32.86 -2.57 2.14
C TYR A 393 -33.71 -1.45 1.56
N ARG A 394 -33.25 -0.21 1.72
CA ARG A 394 -34.02 0.89 1.11
C ARG A 394 -33.19 1.50 -0.01
N ILE A 395 -33.89 2.05 -0.99
CA ILE A 395 -33.25 2.65 -2.14
C ILE A 395 -33.03 4.14 -1.84
N GLY A 396 -31.87 4.64 -2.36
CA GLY A 396 -31.57 6.04 -2.13
C GLY A 396 -32.07 6.90 -3.29
N GLY A 397 -31.23 7.04 -4.34
CA GLY A 397 -31.53 7.98 -5.41
C GLY A 397 -31.52 9.43 -4.93
N THR A 398 -30.57 9.70 -4.03
CA THR A 398 -30.40 10.99 -3.39
C THR A 398 -28.94 11.09 -2.95
N GLU A 399 -28.48 12.32 -2.57
CA GLU A 399 -27.06 12.48 -2.22
C GLU A 399 -26.69 11.84 -0.88
N ALA A 400 -25.48 11.23 -0.83
CA ALA A 400 -24.91 10.68 0.39
C ALA A 400 -24.18 11.78 1.19
N PRO A 401 -23.83 11.52 2.47
CA PRO A 401 -22.93 12.43 3.19
C PRO A 401 -21.62 12.59 2.43
N THR A 402 -21.13 13.82 2.36
CA THR A 402 -19.80 14.06 1.82
C THR A 402 -18.76 13.67 2.87
N VAL A 403 -17.60 13.19 2.43
CA VAL A 403 -16.55 12.81 3.39
C VAL A 403 -15.22 13.38 2.87
N ARG A 404 -14.30 13.77 3.76
CA ARG A 404 -13.04 14.33 3.28
C ARG A 404 -11.99 13.22 3.35
N ILE A 405 -11.11 13.21 2.34
CA ILE A 405 -9.93 12.33 2.43
C ILE A 405 -8.69 13.25 2.32
N VAL A 406 -7.55 12.75 2.87
CA VAL A 406 -6.29 13.46 2.66
C VAL A 406 -5.34 12.54 1.89
N LEU A 407 -4.56 13.15 0.99
CA LEU A 407 -3.60 12.41 0.19
C LEU A 407 -2.21 12.67 0.75
N LYS A 408 -1.42 11.60 0.87
CA LYS A 408 -0.07 11.78 1.37
C LYS A 408 0.79 10.85 0.50
N GLY A 409 1.57 11.41 -0.43
CA GLY A 409 2.33 10.57 -1.34
C GLY A 409 1.38 9.66 -2.12
N ASP A 410 1.64 8.35 -2.09
CA ASP A 410 0.87 7.37 -2.86
C ASP A 410 -0.20 6.77 -1.97
N ARG A 411 -0.55 7.43 -0.85
CA ARG A 411 -1.52 6.86 0.07
C ARG A 411 -2.64 7.87 0.33
N SER A 412 -3.77 7.35 0.82
CA SER A 412 -4.88 8.23 1.21
C SER A 412 -5.42 7.81 2.57
N PHE A 413 -6.12 8.73 3.23
CA PHE A 413 -6.63 8.51 4.58
C PHE A 413 -8.00 9.19 4.67
N VAL A 414 -9.02 8.43 5.10
CA VAL A 414 -10.35 9.02 5.27
C VAL A 414 -10.37 9.86 6.54
N GLN A 415 -11.14 10.98 6.50
CA GLN A 415 -11.22 11.93 7.60
C GLN A 415 -12.71 12.09 7.97
N GLU A 416 -13.12 13.32 8.31
CA GLU A 416 -14.44 13.56 8.88
C GLU A 416 -15.52 13.59 7.81
N GLU A 417 -16.76 13.39 8.25
CA GLU A 417 -17.90 13.42 7.33
C GLU A 417 -18.72 14.69 7.54
N TYR A 418 -19.43 15.05 6.45
CA TYR A 418 -20.25 16.24 6.36
C TYR A 418 -21.71 15.87 6.08
N ASP A 419 -22.55 16.90 5.88
CA ASP A 419 -23.96 16.62 5.66
C ASP A 419 -24.19 16.02 4.26
N TYR A 420 -25.41 15.52 4.06
CA TYR A 420 -25.82 14.95 2.77
C TYR A 420 -25.64 15.95 1.65
N GLY A 421 -24.93 15.54 0.60
CA GLY A 421 -24.91 16.38 -0.59
C GLY A 421 -24.13 17.68 -0.41
N TYR A 422 -23.25 17.77 0.60
CA TYR A 422 -22.51 19.01 0.83
C TYR A 422 -21.42 19.17 -0.23
N ILE A 423 -21.52 20.20 -1.08
CA ILE A 423 -20.59 20.41 -2.19
C ILE A 423 -20.25 21.91 -2.22
N PRO A 424 -19.43 22.39 -1.28
CA PRO A 424 -19.11 23.81 -1.19
C PRO A 424 -18.21 24.26 -2.36
N ALA A 425 -18.34 25.54 -2.69
CA ALA A 425 -17.51 26.18 -3.67
C ALA A 425 -16.10 26.34 -3.13
N MET A 426 -15.13 26.17 -4.03
CA MET A 426 -13.73 26.46 -3.74
C MET A 426 -13.42 27.87 -4.17
N LYS A 427 -14.24 28.45 -5.03
CA LYS A 427 -14.01 29.79 -5.49
C LYS A 427 -15.34 30.31 -6.02
N ASP A 428 -15.59 31.60 -5.83
CA ASP A 428 -16.80 32.20 -6.37
C ASP A 428 -16.42 33.05 -7.59
N VAL A 429 -17.20 32.93 -8.66
CA VAL A 429 -16.99 33.70 -9.88
C VAL A 429 -18.16 34.66 -10.00
N GLN A 430 -17.87 35.97 -10.07
CA GLN A 430 -18.91 36.96 -10.28
C GLN A 430 -19.02 37.23 -11.78
N LEU A 431 -20.24 37.20 -12.32
CA LEU A 431 -20.38 37.31 -13.77
C LEU A 431 -20.25 38.78 -14.17
N SER A 432 -19.64 39.04 -15.34
CA SER A 432 -19.47 40.39 -15.89
C SER A 432 -20.86 41.01 -16.10
N TYR B 23 19.01 16.10 8.85
CA TYR B 23 17.76 15.66 8.17
C TYR B 23 16.78 15.24 9.24
N GLU B 24 15.49 15.38 8.92
CA GLU B 24 14.38 14.98 9.75
C GLU B 24 14.16 13.49 9.51
N PRO B 25 13.75 12.70 10.51
CA PRO B 25 13.51 11.28 10.27
C PRO B 25 12.23 11.07 9.48
N THR B 26 12.12 9.94 8.80
CA THR B 26 10.83 9.48 8.33
C THR B 26 10.05 8.90 9.50
N VAL B 27 8.80 9.35 9.67
CA VAL B 27 7.97 8.81 10.73
C VAL B 27 7.07 7.71 10.16
N TRP B 28 7.12 6.52 10.79
CA TRP B 28 6.13 5.49 10.59
C TRP B 28 4.99 5.78 11.54
N SER B 29 3.83 6.28 11.02
CA SER B 29 2.81 6.78 11.95
C SER B 29 1.81 5.68 12.34
N ARG B 30 0.96 5.99 13.34
CA ARG B 30 -0.15 5.11 13.70
C ARG B 30 -1.07 4.94 12.50
N ALA B 31 -1.38 6.02 11.78
CA ALA B 31 -2.29 5.92 10.63
C ALA B 31 -1.73 4.94 9.57
N ASP B 32 -0.40 4.96 9.38
CA ASP B 32 0.24 4.01 8.45
C ASP B 32 0.00 2.58 8.96
N ALA B 33 0.22 2.38 10.27
CA ALA B 33 0.10 1.05 10.85
C ALA B 33 -1.34 0.52 10.83
N LEU B 34 -2.35 1.42 10.78
CA LEU B 34 -3.71 0.94 10.74
C LEU B 34 -4.01 0.29 9.38
N LYS B 35 -3.17 0.51 8.38
CA LYS B 35 -3.36 -0.16 7.10
C LYS B 35 -2.76 -1.58 7.09
N VAL B 36 -2.09 -2.02 8.17
CA VAL B 36 -1.46 -3.35 8.16
C VAL B 36 -2.54 -4.42 7.99
N ASN B 37 -2.35 -5.34 7.02
CA ASN B 37 -3.31 -6.39 6.72
C ASN B 37 -2.62 -7.73 6.94
N GLU B 38 -3.00 -8.45 8.00
CA GLU B 38 -2.40 -9.77 8.28
C GLU B 38 -2.89 -10.86 7.33
N ASN B 39 -3.91 -10.54 6.54
CA ASN B 39 -4.53 -11.54 5.68
C ASN B 39 -4.25 -11.33 4.20
N ASP B 40 -3.18 -10.63 3.85
CA ASP B 40 -2.90 -10.37 2.44
C ASP B 40 -2.04 -11.51 1.87
N PRO B 41 -2.50 -12.25 0.83
CA PRO B 41 -1.72 -13.40 0.37
C PRO B 41 -0.40 -13.00 -0.29
N THR B 42 -0.27 -11.74 -0.73
CA THR B 42 0.95 -11.26 -1.34
C THR B 42 2.04 -10.93 -0.29
N THR B 43 1.68 -10.84 1.00
CA THR B 43 2.67 -10.47 2.00
C THR B 43 2.63 -11.46 3.18
N THR B 44 2.21 -12.70 2.94
CA THR B 44 2.15 -13.71 3.99
C THR B 44 3.23 -14.76 3.76
N GLN B 45 4.00 -15.08 4.81
CA GLN B 45 4.99 -16.15 4.81
CA GLN B 45 4.98 -16.14 4.70
C GLN B 45 4.27 -17.50 4.65
N PRO B 46 4.77 -18.45 3.80
CA PRO B 46 4.18 -19.79 3.72
C PRO B 46 4.19 -20.51 5.07
N LEU B 47 3.21 -21.42 5.28
CA LEU B 47 3.13 -22.14 6.52
C LEU B 47 4.31 -23.10 6.68
N VAL B 48 4.89 -23.06 7.87
CA VAL B 48 5.95 -24.00 8.26
C VAL B 48 5.27 -25.33 8.63
N SER B 49 5.84 -26.45 8.15
CA SER B 49 5.36 -27.79 8.46
C SER B 49 5.62 -28.14 9.92
N ALA B 50 4.64 -28.84 10.55
CA ALA B 50 4.77 -29.29 11.92
C ALA B 50 5.96 -30.25 12.07
N ASP B 51 6.37 -30.92 10.98
CA ASP B 51 7.45 -31.93 11.12
C ASP B 51 8.76 -31.41 10.55
N PHE B 52 9.08 -30.12 10.76
CA PHE B 52 10.31 -29.55 10.30
C PHE B 52 11.49 -30.31 10.93
N PRO B 53 12.63 -30.38 10.22
CA PRO B 53 13.84 -30.96 10.77
C PRO B 53 14.54 -29.90 11.65
N VAL B 54 15.38 -30.38 12.60
CA VAL B 54 16.21 -29.46 13.38
C VAL B 54 17.67 -29.71 13.04
N MET B 55 18.46 -28.65 12.89
CA MET B 55 19.82 -28.71 12.39
C MET B 55 20.75 -29.33 13.43
N SER B 56 20.41 -29.17 14.71
CA SER B 56 21.24 -29.68 15.79
C SER B 56 20.38 -30.15 16.93
N ASP B 57 20.73 -31.31 17.53
CA ASP B 57 20.01 -31.57 18.76
C ASP B 57 20.85 -31.22 19.98
N THR B 58 21.98 -30.50 19.77
CA THR B 58 22.75 -30.01 20.89
C THR B 58 22.74 -28.49 21.07
N VAL B 59 22.43 -27.69 20.02
CA VAL B 59 22.39 -26.24 20.14
C VAL B 59 21.09 -25.76 19.50
N PHE B 60 20.56 -24.69 20.08
CA PHE B 60 19.61 -23.85 19.36
C PHE B 60 20.35 -22.84 18.49
N ILE B 61 19.78 -22.52 17.31
CA ILE B 61 20.29 -21.36 16.59
C ILE B 61 19.11 -20.44 16.34
N TRP B 62 19.40 -19.17 16.08
CA TRP B 62 18.32 -18.25 15.72
C TRP B 62 18.85 -17.25 14.70
N ASP B 63 19.00 -15.98 15.06
CA ASP B 63 19.47 -14.94 14.13
C ASP B 63 20.58 -15.48 13.24
N THR B 64 20.35 -15.45 11.92
CA THR B 64 21.33 -16.01 10.98
C THR B 64 21.87 -14.88 10.11
N MET B 65 23.19 -14.89 9.91
CA MET B 65 23.92 -13.78 9.30
C MET B 65 24.78 -14.28 8.14
N PRO B 66 24.36 -14.14 6.87
CA PRO B 66 25.18 -14.67 5.77
C PRO B 66 26.45 -13.84 5.53
N LEU B 67 27.53 -14.52 5.12
CA LEU B 67 28.74 -13.81 4.75
C LEU B 67 28.52 -12.91 3.53
N ARG B 68 28.88 -11.60 3.62
CA ARG B 68 28.62 -10.75 2.47
CA ARG B 68 28.60 -10.73 2.49
C ARG B 68 29.73 -9.71 2.30
N GLU B 69 29.69 -9.03 1.14
CA GLU B 69 30.57 -7.90 0.93
C GLU B 69 29.85 -6.63 1.37
N LEU B 70 30.59 -5.50 1.38
CA LEU B 70 30.04 -4.22 1.82
C LEU B 70 29.04 -3.65 0.82
N ASP B 71 28.94 -4.25 -0.37
CA ASP B 71 27.89 -3.81 -1.29
C ASP B 71 26.61 -4.64 -1.11
N GLY B 72 26.63 -5.63 -0.20
CA GLY B 72 25.44 -6.41 0.07
C GLY B 72 25.46 -7.82 -0.52
N THR B 73 26.35 -8.09 -1.47
CA THR B 73 26.37 -9.38 -2.15
C THR B 73 26.72 -10.49 -1.15
N VAL B 74 25.91 -11.55 -1.16
CA VAL B 74 26.12 -12.75 -0.37
C VAL B 74 27.12 -13.63 -1.10
N VAL B 75 28.19 -14.01 -0.40
CA VAL B 75 29.33 -14.61 -1.12
C VAL B 75 29.71 -15.94 -0.51
N SER B 76 30.14 -16.85 -1.40
CA SER B 76 30.87 -18.05 -1.01
C SER B 76 32.36 -17.79 -1.16
N VAL B 77 33.18 -18.66 -0.57
CA VAL B 77 34.62 -18.45 -0.63
C VAL B 77 35.25 -19.79 -1.02
N ASN B 78 36.00 -19.82 -2.13
CA ASN B 78 36.50 -21.09 -2.68
C ASN B 78 35.36 -22.12 -2.79
N GLY B 79 34.13 -21.66 -3.13
CA GLY B 79 33.02 -22.59 -3.34
C GLY B 79 32.25 -23.01 -2.08
N TRP B 80 32.62 -22.46 -0.91
CA TRP B 80 31.96 -22.72 0.35
C TRP B 80 31.07 -21.53 0.75
N SER B 81 29.78 -21.82 0.93
CA SER B 81 28.90 -20.88 1.60
C SER B 81 29.21 -20.91 3.09
N VAL B 82 29.03 -19.75 3.72
CA VAL B 82 29.32 -19.59 5.15
C VAL B 82 28.23 -18.74 5.78
N ILE B 83 27.67 -19.20 6.91
CA ILE B 83 26.73 -18.36 7.66
C ILE B 83 27.19 -18.33 9.12
N LEU B 84 26.87 -17.23 9.80
CA LEU B 84 27.06 -17.14 11.25
C LEU B 84 25.67 -17.22 11.86
N THR B 85 25.56 -17.83 13.07
CA THR B 85 24.31 -17.85 13.81
C THR B 85 24.57 -17.46 15.27
N LEU B 86 23.58 -16.80 15.89
CA LEU B 86 23.53 -16.83 17.37
C LEU B 86 23.13 -18.23 17.81
N THR B 87 23.83 -18.70 18.85
CA THR B 87 23.78 -20.09 19.21
C THR B 87 23.72 -20.19 20.74
N ALA B 88 22.97 -21.16 21.27
CA ALA B 88 22.93 -21.42 22.71
C ALA B 88 22.73 -22.92 22.91
N ASP B 89 23.24 -23.48 24.01
CA ASP B 89 23.11 -24.94 24.14
C ASP B 89 21.67 -25.33 24.50
N ARG B 90 21.27 -26.54 24.05
CA ARG B 90 20.04 -27.18 24.53
C ARG B 90 20.36 -27.99 25.77
N HIS B 91 19.40 -28.15 26.68
CA HIS B 91 19.65 -28.79 27.96
C HIS B 91 18.57 -29.84 28.23
N PRO B 92 18.31 -30.83 27.33
CA PRO B 92 17.17 -31.73 27.50
C PRO B 92 17.36 -32.71 28.67
N ASP B 93 18.56 -32.83 29.18
CA ASP B 93 18.84 -33.82 30.26
C ASP B 93 19.30 -33.06 31.50
N ASP B 94 18.93 -31.79 31.58
CA ASP B 94 19.36 -30.96 32.68
C ASP B 94 18.25 -30.85 33.69
N PRO B 95 18.47 -31.30 34.97
CA PRO B 95 17.48 -31.18 36.06
C PRO B 95 16.81 -29.81 36.23
N GLN B 96 17.48 -28.75 35.83
CA GLN B 96 16.81 -27.47 36.00
C GLN B 96 15.65 -27.27 35.01
N TYR B 97 15.59 -28.08 33.96
CA TYR B 97 14.48 -27.96 33.01
C TYR B 97 13.61 -29.20 33.06
N LEU B 98 13.84 -30.10 34.04
CA LEU B 98 13.13 -31.37 34.06
C LEU B 98 12.26 -31.39 35.31
N ASP B 99 10.98 -31.80 35.21
CA ASP B 99 10.23 -31.97 36.45
C ASP B 99 10.37 -33.40 36.97
N ALA B 100 9.72 -33.69 38.11
CA ALA B 100 9.80 -34.98 38.78
C ALA B 100 9.44 -36.11 37.82
N ASN B 101 8.62 -35.80 36.80
CA ASN B 101 8.07 -36.85 35.97
C ASN B 101 8.85 -36.98 34.68
N GLY B 102 9.95 -36.23 34.57
CA GLY B 102 10.80 -36.39 33.41
C GLY B 102 10.47 -35.42 32.26
N ARG B 103 9.53 -34.50 32.51
CA ARG B 103 9.08 -33.53 31.52
C ARG B 103 10.10 -32.39 31.34
N TYR B 104 10.48 -32.17 30.08
CA TYR B 104 11.52 -31.21 29.68
C TYR B 104 10.87 -29.89 29.28
N ASP B 105 11.18 -28.82 30.02
CA ASP B 105 10.61 -27.52 29.71
C ASP B 105 11.41 -26.85 28.59
N ILE B 106 11.22 -27.33 27.37
CA ILE B 106 11.98 -26.82 26.23
C ILE B 106 11.66 -25.32 26.02
N LYS B 107 10.43 -24.91 26.31
CA LYS B 107 10.09 -23.53 26.01
C LYS B 107 10.93 -22.59 26.89
N ARG B 108 11.17 -22.99 28.15
CA ARG B 108 11.98 -22.16 29.04
C ARG B 108 13.45 -22.16 28.62
N ASP B 109 13.96 -23.33 28.23
CA ASP B 109 15.34 -23.48 27.77
C ASP B 109 15.57 -22.57 26.56
N TRP B 110 14.57 -22.54 25.66
CA TRP B 110 14.63 -21.71 24.47
C TRP B 110 14.54 -20.24 24.82
N GLU B 111 13.69 -19.87 25.81
CA GLU B 111 13.59 -18.47 26.19
C GLU B 111 14.85 -17.99 26.90
N ASP B 112 15.61 -18.91 27.48
CA ASP B 112 16.83 -18.60 28.21
C ASP B 112 18.03 -18.46 27.26
N ARG B 113 17.82 -18.57 25.93
CA ARG B 113 18.94 -18.55 25.01
C ARG B 113 19.66 -17.20 25.03
N HIS B 114 18.91 -16.10 25.22
CA HIS B 114 19.46 -14.76 24.97
C HIS B 114 20.70 -14.48 25.81
N GLY B 115 20.67 -14.93 27.06
CA GLY B 115 21.78 -14.68 27.95
C GLY B 115 22.95 -15.64 27.74
N ARG B 116 22.75 -16.71 26.94
CA ARG B 116 23.79 -17.66 26.60
C ARG B 116 24.31 -17.46 25.17
N ALA B 117 23.85 -16.42 24.48
CA ALA B 117 24.12 -16.28 23.06
C ALA B 117 25.63 -16.17 22.75
N ARG B 118 26.10 -17.00 21.80
CA ARG B 118 27.44 -16.84 21.25
CA ARG B 118 27.44 -16.87 21.25
C ARG B 118 27.37 -17.01 19.73
N MET B 119 28.35 -16.38 19.04
CA MET B 119 28.43 -16.48 17.59
C MET B 119 29.10 -17.79 17.18
N CYS B 120 28.42 -18.58 16.35
CA CYS B 120 29.06 -19.73 15.72
C CYS B 120 28.95 -19.61 14.20
N TYR B 121 29.73 -20.41 13.48
CA TYR B 121 29.61 -20.41 12.03
C TYR B 121 29.37 -21.83 11.51
N TRP B 122 28.83 -21.87 10.28
CA TRP B 122 28.46 -23.10 9.60
C TRP B 122 28.85 -22.94 8.14
N TYR B 123 29.03 -24.07 7.44
CA TYR B 123 29.49 -23.97 6.05
C TYR B 123 28.89 -25.10 5.20
N SER B 124 28.89 -24.90 3.88
CA SER B 124 28.32 -25.86 2.95
C SER B 124 28.71 -25.49 1.53
N ARG B 125 28.95 -26.52 0.71
CA ARG B 125 29.14 -26.32 -0.72
C ARG B 125 27.80 -26.01 -1.40
N THR B 126 26.65 -26.36 -0.77
CA THR B 126 25.40 -26.31 -1.51
C THR B 126 24.50 -25.15 -1.07
N GLY B 127 24.90 -24.39 -0.04
CA GLY B 127 23.95 -23.39 0.52
C GLY B 127 22.86 -23.99 1.42
N LYS B 128 22.99 -25.27 1.80
CA LYS B 128 22.09 -25.92 2.75
C LYS B 128 22.81 -27.14 3.32
N ASP B 129 22.13 -27.94 4.17
CA ASP B 129 22.77 -29.04 4.88
C ASP B 129 24.04 -28.59 5.59
N TRP B 130 23.91 -27.59 6.44
CA TRP B 130 25.02 -26.83 6.99
C TRP B 130 25.86 -27.68 7.93
N ILE B 131 27.15 -27.50 7.82
CA ILE B 131 28.10 -28.22 8.67
C ILE B 131 28.56 -27.25 9.76
N PHE B 132 28.46 -27.69 11.02
CA PHE B 132 28.87 -26.89 12.15
C PHE B 132 30.37 -26.62 12.19
N GLY B 133 30.74 -25.33 12.26
CA GLY B 133 32.12 -24.89 12.34
C GLY B 133 32.56 -24.50 13.76
N GLY B 134 31.64 -24.36 14.70
CA GLY B 134 32.02 -24.01 16.08
C GLY B 134 32.00 -22.50 16.31
N ARG B 135 32.62 -22.05 17.41
CA ARG B 135 32.59 -20.65 17.83
C ARG B 135 33.48 -19.80 16.93
N VAL B 136 33.07 -18.56 16.65
CA VAL B 136 33.93 -17.61 15.95
C VAL B 136 35.08 -17.13 16.82
N MET B 137 34.75 -16.73 18.05
CA MET B 137 35.71 -16.17 19.01
C MET B 137 35.83 -17.17 20.17
N ALA B 138 37.07 -17.34 20.70
CA ALA B 138 37.24 -18.08 21.93
C ALA B 138 36.48 -17.41 23.07
N GLU B 139 35.94 -18.22 24.00
CA GLU B 139 35.33 -17.75 25.24
CA GLU B 139 35.28 -17.69 25.18
C GLU B 139 36.24 -16.70 25.86
N GLY B 140 35.73 -15.52 26.22
CA GLY B 140 36.55 -14.54 26.93
C GLY B 140 37.11 -13.44 26.02
N VAL B 141 37.08 -13.65 24.69
CA VAL B 141 37.57 -12.62 23.77
C VAL B 141 36.57 -11.46 23.76
N SER B 142 35.29 -11.79 23.70
CA SER B 142 34.26 -10.74 23.70
C SER B 142 34.26 -9.99 25.04
N PRO B 143 34.16 -8.65 25.07
CA PRO B 143 34.10 -7.89 26.31
C PRO B 143 32.89 -8.24 27.18
N THR B 144 31.81 -8.74 26.54
CA THR B 144 30.62 -9.18 27.23
C THR B 144 30.44 -10.66 26.97
N THR B 145 29.84 -11.39 27.91
CA THR B 145 29.59 -12.82 27.69
CA THR B 145 29.57 -12.81 27.70
C THR B 145 28.61 -13.00 26.52
N ARG B 146 27.57 -12.15 26.48
CA ARG B 146 26.61 -12.26 25.40
C ARG B 146 27.21 -11.71 24.14
N GLU B 147 27.06 -12.41 23.01
CA GLU B 147 27.47 -11.90 21.70
C GLU B 147 26.22 -11.88 20.85
N TRP B 148 25.70 -10.69 20.60
CA TRP B 148 24.42 -10.57 19.89
C TRP B 148 24.70 -10.16 18.44
N ALA B 149 23.66 -9.95 17.64
CA ALA B 149 23.84 -10.08 16.18
C ALA B 149 24.56 -8.89 15.54
N GLY B 150 24.93 -9.12 14.28
CA GLY B 150 25.55 -8.10 13.43
C GLY B 150 25.69 -8.64 12.02
N THR B 151 26.88 -8.41 11.41
CA THR B 151 27.12 -8.81 10.03
C THR B 151 28.58 -9.21 9.88
N PRO B 152 28.87 -10.35 9.24
CA PRO B 152 30.25 -10.69 8.85
C PRO B 152 30.52 -10.21 7.43
N ILE B 153 31.61 -9.46 7.29
CA ILE B 153 31.96 -8.85 6.00
C ILE B 153 33.24 -9.49 5.49
N LEU B 154 33.17 -10.05 4.27
CA LEU B 154 34.42 -10.47 3.62
C LEU B 154 35.03 -9.23 2.95
N LEU B 155 36.27 -8.90 3.37
CA LEU B 155 36.87 -7.60 3.04
C LEU B 155 37.66 -7.64 1.75
N ASN B 156 38.30 -8.79 1.48
CA ASN B 156 39.14 -8.88 0.29
C ASN B 156 39.34 -10.34 -0.10
N ASP B 157 40.07 -10.54 -1.20
CA ASP B 157 40.29 -11.89 -1.69
C ASP B 157 41.47 -12.55 -0.98
N LYS B 158 41.98 -11.92 0.10
CA LYS B 158 42.94 -12.60 0.96
C LYS B 158 42.19 -13.38 2.04
N GLY B 159 40.88 -13.11 2.16
CA GLY B 159 40.16 -13.82 3.21
C GLY B 159 40.05 -13.03 4.51
N ASP B 160 40.42 -11.75 4.53
CA ASP B 160 40.20 -11.00 5.77
C ASP B 160 38.70 -10.72 5.95
N ILE B 161 38.24 -10.76 7.22
CA ILE B 161 36.83 -10.57 7.55
C ILE B 161 36.72 -9.58 8.70
N ASP B 162 35.74 -8.66 8.60
CA ASP B 162 35.33 -7.85 9.74
C ASP B 162 33.99 -8.41 10.24
N LEU B 163 33.93 -8.86 11.50
CA LEU B 163 32.64 -9.21 12.10
C LEU B 163 32.15 -8.05 12.95
N TYR B 164 31.12 -7.35 12.48
CA TYR B 164 30.48 -6.30 13.25
C TYR B 164 29.39 -6.98 14.09
N TYR B 165 29.33 -6.67 15.40
CA TYR B 165 28.34 -7.40 16.23
C TYR B 165 28.03 -6.54 17.45
N THR B 166 27.15 -7.03 18.33
CA THR B 166 26.75 -6.21 19.47
C THR B 166 27.25 -6.86 20.77
N CYS B 167 27.95 -6.07 21.61
CA CYS B 167 28.35 -6.54 22.94
C CYS B 167 27.34 -6.03 23.94
N VAL B 168 26.63 -6.94 24.64
CA VAL B 168 25.57 -6.52 25.54
C VAL B 168 25.78 -7.08 26.95
N THR B 169 25.48 -6.22 27.94
CA THR B 169 25.43 -6.51 29.37
C THR B 169 26.84 -6.78 29.93
N PRO B 170 27.47 -5.85 30.68
CA PRO B 170 26.87 -4.53 30.94
C PRO B 170 26.87 -3.62 29.72
N GLY B 171 25.83 -2.76 29.61
CA GLY B 171 25.65 -1.78 28.53
C GLY B 171 25.37 -2.44 27.17
N ALA B 172 25.55 -1.69 26.08
CA ALA B 172 25.31 -2.23 24.74
C ALA B 172 26.17 -1.43 23.78
N ALA B 173 27.13 -2.10 23.14
CA ALA B 173 27.99 -1.35 22.22
C ALA B 173 27.99 -2.10 20.90
N ILE B 174 27.95 -1.34 19.82
CA ILE B 174 28.28 -1.92 18.51
C ILE B 174 29.80 -2.03 18.43
N ALA B 175 30.27 -3.19 17.99
CA ALA B 175 31.69 -3.52 18.07
C ALA B 175 32.10 -4.25 16.79
N LYS B 176 33.42 -4.41 16.61
CA LYS B 176 33.87 -5.25 15.51
C LYS B 176 35.10 -6.03 15.96
N VAL B 177 35.32 -7.13 15.24
CA VAL B 177 36.49 -7.98 15.47
C VAL B 177 36.96 -8.49 14.12
N ARG B 178 38.28 -8.28 13.84
CA ARG B 178 38.86 -8.69 12.57
C ARG B 178 39.38 -10.12 12.71
N GLY B 179 39.21 -10.90 11.64
CA GLY B 179 39.78 -12.23 11.59
C GLY B 179 39.90 -12.64 10.13
N ARG B 180 39.89 -13.95 9.91
CA ARG B 180 40.13 -14.40 8.54
C ARG B 180 39.47 -15.73 8.31
N ILE B 181 39.20 -16.03 7.02
CA ILE B 181 38.68 -17.33 6.63
C ILE B 181 39.77 -18.04 5.81
N VAL B 182 39.98 -19.30 6.14
CA VAL B 182 40.80 -20.19 5.31
C VAL B 182 39.94 -21.41 4.97
N THR B 183 40.14 -21.99 3.78
CA THR B 183 39.35 -23.16 3.43
C THR B 183 40.28 -24.23 2.85
N SER B 184 39.70 -25.42 2.72
CA SER B 184 40.31 -26.58 2.07
C SER B 184 39.17 -27.38 1.44
N ASP B 185 39.47 -28.53 0.79
CA ASP B 185 38.42 -29.38 0.24
C ASP B 185 37.60 -30.01 1.36
N GLN B 186 38.07 -29.89 2.60
CA GLN B 186 37.37 -30.55 3.68
C GLN B 186 36.42 -29.58 4.41
N GLY B 187 36.63 -28.28 4.27
CA GLY B 187 35.67 -27.35 4.84
C GLY B 187 36.29 -26.00 5.11
N VAL B 188 35.73 -25.26 6.10
CA VAL B 188 36.12 -23.89 6.32
C VAL B 188 36.56 -23.71 7.77
N GLU B 189 37.52 -22.79 7.98
CA GLU B 189 37.81 -22.33 9.34
C GLU B 189 37.76 -20.81 9.38
N LEU B 190 37.23 -20.28 10.48
CA LEU B 190 37.35 -18.85 10.73
C LEU B 190 38.32 -18.72 11.90
N LYS B 191 39.36 -17.89 11.74
CA LYS B 191 40.45 -17.90 12.71
C LYS B 191 40.84 -16.48 13.06
N ASP B 192 41.56 -16.35 14.18
CA ASP B 192 42.27 -15.13 14.51
C ASP B 192 41.31 -13.99 14.87
N PHE B 193 40.10 -14.31 15.31
CA PHE B 193 39.23 -13.25 15.82
C PHE B 193 39.56 -13.07 17.31
N THR B 194 40.52 -12.20 17.61
CA THR B 194 41.05 -12.24 18.96
C THR B 194 41.00 -10.89 19.67
N GLN B 195 40.64 -9.82 18.97
CA GLN B 195 40.66 -8.52 19.61
C GLN B 195 39.42 -7.72 19.21
N VAL B 196 38.49 -7.54 20.15
CA VAL B 196 37.29 -6.78 19.85
C VAL B 196 37.54 -5.29 20.06
N LYS B 197 37.06 -4.45 19.12
CA LYS B 197 37.07 -3.02 19.35
C LYS B 197 35.63 -2.51 19.42
N LYS B 198 35.28 -1.88 20.54
CA LYS B 198 33.99 -1.20 20.63
C LYS B 198 34.02 0.06 19.78
N LEU B 199 32.93 0.33 19.03
CA LEU B 199 32.87 1.40 18.04
C LEU B 199 31.98 2.53 18.55
N PHE B 200 30.78 2.22 19.06
CA PHE B 200 29.95 3.27 19.63
C PHE B 200 28.81 2.66 20.42
N GLU B 201 28.18 3.52 21.24
CA GLU B 201 27.04 3.16 22.06
CA GLU B 201 27.08 3.20 22.12
C GLU B 201 26.00 4.27 21.95
N ALA B 202 24.84 4.07 22.57
CA ALA B 202 23.78 5.09 22.52
C ALA B 202 24.27 6.37 23.20
N ASP B 203 23.83 7.51 22.65
CA ASP B 203 24.38 8.81 23.03
C ASP B 203 23.44 9.56 23.97
N GLY B 204 22.11 9.44 23.78
CA GLY B 204 21.16 10.05 24.69
C GLY B 204 20.52 11.30 24.13
N THR B 205 21.01 11.78 22.98
CA THR B 205 20.33 12.91 22.30
C THR B 205 19.65 12.41 21.03
N TYR B 206 20.32 11.56 20.27
CA TYR B 206 19.69 10.89 19.13
C TYR B 206 19.08 9.54 19.57
N TYR B 207 19.91 8.69 20.20
CA TYR B 207 19.41 7.37 20.58
C TYR B 207 19.30 7.20 22.10
N GLN B 208 18.29 6.43 22.53
CA GLN B 208 18.02 6.29 23.95
C GLN B 208 19.12 5.46 24.60
N THR B 209 19.44 5.86 25.84
CA THR B 209 20.50 5.16 26.58
C THR B 209 19.93 4.27 27.69
N GLU B 210 20.81 3.45 28.29
CA GLU B 210 20.42 2.62 29.44
C GLU B 210 19.93 3.50 30.62
N ALA B 211 20.51 4.69 30.80
CA ALA B 211 20.09 5.50 31.94
C ALA B 211 18.68 6.03 31.72
N GLN B 212 18.31 6.20 30.44
CA GLN B 212 16.95 6.70 30.14
C GLN B 212 15.92 5.56 30.15
N ASN B 213 16.42 4.33 29.92
CA ASN B 213 15.54 3.16 29.80
C ASN B 213 16.35 1.89 29.92
N SER B 214 16.15 1.13 31.02
CA SER B 214 17.03 -0.05 31.14
C SER B 214 16.63 -1.14 30.15
N SER B 215 15.51 -0.96 29.41
CA SER B 215 15.17 -1.87 28.31
C SER B 215 15.51 -1.27 26.96
N TRP B 216 16.37 -0.25 26.95
CA TRP B 216 16.80 0.32 25.69
C TRP B 216 17.23 -0.73 24.66
N ASN B 217 16.91 -0.44 23.39
CA ASN B 217 17.37 -1.28 22.29
C ASN B 217 18.51 -0.54 21.58
N PHE B 218 19.65 -1.22 21.42
CA PHE B 218 20.76 -0.66 20.67
C PHE B 218 21.60 -1.83 20.17
N ARG B 219 21.47 -2.23 18.91
CA ARG B 219 22.08 -3.48 18.48
C ARG B 219 21.96 -3.65 16.96
N ASP B 220 22.55 -4.74 16.44
CA ASP B 220 22.37 -5.29 15.10
C ASP B 220 23.00 -4.37 14.05
N PRO B 221 24.33 -4.20 14.01
CA PRO B 221 24.95 -3.37 12.95
C PRO B 221 24.91 -4.02 11.57
N SER B 222 24.56 -3.20 10.56
CA SER B 222 24.53 -3.64 9.17
C SER B 222 25.33 -2.66 8.31
N PRO B 223 26.64 -2.90 8.06
CA PRO B 223 27.47 -1.91 7.35
C PRO B 223 27.34 -2.06 5.83
N PHE B 224 27.58 -0.97 5.10
CA PHE B 224 27.52 -1.02 3.64
C PHE B 224 28.23 0.21 3.08
N ILE B 225 28.71 0.08 1.85
CA ILE B 225 29.22 1.28 1.15
C ILE B 225 28.04 1.85 0.36
N ASP B 226 27.75 3.14 0.55
CA ASP B 226 26.61 3.77 -0.10
C ASP B 226 26.82 3.81 -1.61
N PRO B 227 25.86 3.36 -2.43
CA PRO B 227 26.06 3.35 -3.89
C PRO B 227 26.15 4.74 -4.52
N ASN B 228 25.73 5.78 -3.79
CA ASN B 228 25.76 7.11 -4.34
C ASN B 228 27.05 7.84 -3.95
N ASP B 229 27.45 7.92 -2.68
CA ASP B 229 28.58 8.75 -2.30
C ASP B 229 29.86 7.95 -2.02
N GLY B 230 29.74 6.62 -2.05
CA GLY B 230 30.87 5.72 -1.88
C GLY B 230 31.46 5.68 -0.46
N LYS B 231 30.80 6.27 0.55
CA LYS B 231 31.29 6.22 1.92
C LYS B 231 30.74 4.98 2.63
N LEU B 232 31.37 4.60 3.75
CA LEU B 232 30.95 3.45 4.55
C LEU B 232 30.03 3.96 5.66
N TYR B 233 28.82 3.36 5.72
CA TYR B 233 27.82 3.68 6.71
C TYR B 233 27.39 2.37 7.36
N MET B 234 26.54 2.46 8.40
CA MET B 234 25.88 1.27 8.87
C MET B 234 24.50 1.69 9.36
N VAL B 235 23.52 0.80 9.22
CA VAL B 235 22.29 1.03 9.98
C VAL B 235 22.21 0.03 11.15
N PHE B 236 21.41 0.39 12.15
CA PHE B 236 21.34 -0.44 13.37
C PHE B 236 20.03 -0.14 14.07
N GLU B 237 19.62 -1.03 14.99
CA GLU B 237 18.40 -0.79 15.73
C GLU B 237 18.72 0.15 16.90
N GLY B 238 17.90 1.19 17.05
CA GLY B 238 17.95 2.03 18.24
C GLY B 238 16.56 2.28 18.80
N ASN B 239 16.48 3.16 19.80
CA ASN B 239 15.22 3.75 20.23
C ASN B 239 15.41 5.27 20.21
N VAL B 240 14.30 6.01 19.98
CA VAL B 240 14.45 7.46 19.98
C VAL B 240 14.82 7.92 21.39
N ALA B 241 15.80 8.83 21.48
CA ALA B 241 16.31 9.28 22.78
C ALA B 241 15.22 9.93 23.63
N GLY B 242 15.37 9.77 24.96
CA GLY B 242 14.50 10.43 25.91
C GLY B 242 14.17 9.49 27.06
N GLU B 243 13.97 10.08 28.25
CA GLU B 243 13.56 9.27 29.39
C GLU B 243 12.34 8.44 29.08
N ARG B 244 12.35 7.20 29.55
CA ARG B 244 11.21 6.31 29.38
C ARG B 244 9.94 6.99 29.89
N GLY B 245 8.90 7.03 29.02
CA GLY B 245 7.63 7.62 29.42
C GLY B 245 7.50 9.08 29.01
N SER B 246 8.60 9.72 28.61
CA SER B 246 8.59 11.15 28.34
C SER B 246 8.21 11.52 26.90
N HIS B 247 8.31 10.59 25.96
CA HIS B 247 8.13 10.90 24.54
C HIS B 247 6.71 11.43 24.28
N THR B 248 6.54 12.29 23.28
CA THR B 248 5.18 12.73 22.97
C THR B 248 4.67 11.98 21.73
N VAL B 249 3.41 11.55 21.78
CA VAL B 249 2.74 11.00 20.62
C VAL B 249 1.81 12.11 20.13
N GLY B 250 2.35 12.95 19.24
CA GLY B 250 1.62 14.10 18.76
C GLY B 250 1.16 13.87 17.33
N ALA B 251 0.88 14.96 16.61
CA ALA B 251 0.28 14.84 15.29
C ALA B 251 1.12 13.98 14.35
N ALA B 252 2.44 14.14 14.35
CA ALA B 252 3.26 13.43 13.38
C ALA B 252 3.26 11.92 13.65
N GLU B 253 3.31 11.55 14.93
CA GLU B 253 3.29 10.15 15.33
C GLU B 253 1.93 9.53 15.12
N LEU B 254 0.88 10.35 15.27
CA LEU B 254 -0.45 9.78 15.10
C LEU B 254 -0.72 9.60 13.62
N GLY B 255 -0.33 10.60 12.83
CA GLY B 255 -0.71 10.63 11.43
C GLY B 255 -2.20 10.90 11.25
N PRO B 256 -2.70 10.81 10.00
CA PRO B 256 -4.11 11.12 9.70
C PRO B 256 -5.05 9.95 9.97
N VAL B 257 -5.18 9.59 11.24
CA VAL B 257 -6.03 8.51 11.65
C VAL B 257 -7.48 8.87 11.36
N PRO B 258 -8.36 7.86 11.11
CA PRO B 258 -9.77 8.14 10.82
C PRO B 258 -10.51 8.34 12.15
N PRO B 259 -11.76 8.87 12.14
CA PRO B 259 -12.48 9.09 13.40
C PRO B 259 -12.61 7.80 14.18
N GLY B 260 -12.45 7.89 15.50
CA GLY B 260 -12.60 6.75 16.36
C GLY B 260 -11.25 6.12 16.69
N HIS B 261 -10.16 6.66 16.14
CA HIS B 261 -8.81 6.12 16.42
C HIS B 261 -7.89 7.19 17.00
N GLU B 262 -8.44 8.11 17.79
CA GLU B 262 -7.65 9.16 18.43
C GLU B 262 -6.94 8.72 19.72
N ASP B 263 -7.41 7.68 20.40
CA ASP B 263 -6.86 7.34 21.70
C ASP B 263 -5.58 6.54 21.48
N VAL B 264 -4.51 6.91 22.20
CA VAL B 264 -3.27 6.14 22.03
C VAL B 264 -2.86 5.37 23.27
N GLY B 265 -3.64 5.50 24.36
CA GLY B 265 -3.29 4.75 25.56
C GLY B 265 -1.84 4.99 25.98
N GLY B 266 -1.11 3.89 26.19
CA GLY B 266 0.26 3.96 26.68
C GLY B 266 1.30 3.98 25.56
N ALA B 267 0.89 4.41 24.37
CA ALA B 267 1.72 4.29 23.18
C ALA B 267 3.07 5.02 23.30
N ARG B 268 3.18 6.01 24.22
CA ARG B 268 4.44 6.74 24.28
C ARG B 268 5.59 5.87 24.84
N PHE B 269 5.27 4.70 25.33
CA PHE B 269 6.31 3.77 25.81
C PHE B 269 6.91 2.95 24.66
N GLN B 270 6.37 3.02 23.44
CA GLN B 270 6.95 2.29 22.31
C GLN B 270 7.72 3.29 21.44
N VAL B 271 9.06 3.12 21.32
CA VAL B 271 9.90 4.19 20.79
C VAL B 271 11.00 3.68 19.85
N GLY B 272 10.70 2.66 19.02
CA GLY B 272 11.72 2.07 18.15
C GLY B 272 12.17 3.04 17.04
N CYS B 273 13.39 2.86 16.58
CA CYS B 273 13.89 3.60 15.40
C CYS B 273 14.99 2.81 14.72
N ILE B 274 15.24 3.19 13.44
CA ILE B 274 16.40 2.70 12.71
C ILE B 274 17.42 3.82 12.69
N GLY B 275 18.60 3.48 13.22
CA GLY B 275 19.69 4.42 13.36
C GLY B 275 20.67 4.31 12.19
N LEU B 276 21.51 5.35 12.06
CA LEU B 276 22.52 5.40 10.99
C LEU B 276 23.82 5.96 11.59
N ALA B 277 24.96 5.40 11.14
CA ALA B 277 26.25 5.94 11.57
C ALA B 277 27.16 6.00 10.33
N VAL B 278 28.21 6.84 10.36
CA VAL B 278 29.12 6.88 9.22
C VAL B 278 30.56 6.71 9.70
N ALA B 279 31.36 6.04 8.87
CA ALA B 279 32.74 5.73 9.22
C ALA B 279 33.64 6.89 8.76
N LYS B 280 34.73 7.12 9.50
CA LYS B 280 35.68 8.17 9.15
C LYS B 280 36.28 7.89 7.77
N ASP B 281 36.54 6.62 7.49
CA ASP B 281 37.02 6.19 6.18
C ASP B 281 36.64 4.73 5.96
N LEU B 282 37.05 4.15 4.82
CA LEU B 282 36.56 2.83 4.40
C LEU B 282 37.09 1.68 5.26
N SER B 283 38.03 1.96 6.17
CA SER B 283 38.53 0.96 7.11
C SER B 283 37.49 0.64 8.18
N GLY B 284 36.54 1.55 8.41
CA GLY B 284 35.51 1.28 9.40
C GLY B 284 36.05 1.11 10.82
N GLU B 285 37.06 1.90 11.20
CA GLU B 285 37.70 1.79 12.51
C GLU B 285 37.21 2.91 13.43
N GLU B 286 36.59 3.95 12.88
CA GLU B 286 36.11 5.08 13.65
C GLU B 286 34.76 5.53 13.07
N TRP B 287 33.78 5.71 13.96
CA TRP B 287 32.41 5.96 13.54
C TRP B 287 31.85 7.20 14.23
N GLU B 288 30.95 7.87 13.51
CA GLU B 288 30.20 9.01 14.02
C GLU B 288 28.71 8.66 13.85
N ILE B 289 27.96 8.80 14.96
CA ILE B 289 26.52 8.56 14.83
C ILE B 289 25.82 9.73 14.12
N LEU B 290 24.76 9.39 13.40
CA LEU B 290 23.92 10.34 12.71
C LEU B 290 22.50 10.20 13.26
N PRO B 291 21.61 11.16 13.01
CA PRO B 291 20.27 11.12 13.56
C PRO B 291 19.48 9.95 12.99
N PRO B 292 18.42 9.54 13.71
CA PRO B 292 17.59 8.41 13.28
C PRO B 292 17.01 8.63 11.87
N LEU B 293 16.96 7.54 11.10
CA LEU B 293 16.42 7.54 9.76
C LEU B 293 14.92 7.36 9.72
N VAL B 294 14.46 6.39 10.52
CA VAL B 294 13.05 6.04 10.54
C VAL B 294 12.66 5.84 12.01
N THR B 295 11.55 6.48 12.43
CA THR B 295 11.17 6.44 13.84
C THR B 295 9.75 5.87 13.93
N ALA B 296 9.45 5.19 15.05
CA ALA B 296 8.16 4.55 15.21
C ALA B 296 7.59 4.79 16.61
N VAL B 297 7.84 5.99 17.16
CA VAL B 297 7.27 6.38 18.45
C VAL B 297 5.74 6.31 18.41
N GLY B 298 5.18 5.59 19.39
CA GLY B 298 3.73 5.50 19.43
C GLY B 298 3.19 4.39 18.51
N VAL B 299 4.13 3.61 17.94
CA VAL B 299 3.79 2.57 16.94
C VAL B 299 4.38 1.22 17.34
N ASN B 300 5.69 1.13 17.50
CA ASN B 300 6.29 -0.16 17.83
C ASN B 300 7.64 0.07 18.51
N ASP B 301 7.93 -0.71 19.55
CA ASP B 301 9.16 -0.46 20.29
C ASP B 301 10.39 -1.06 19.60
N GLN B 302 10.20 -1.96 18.61
CA GLN B 302 11.33 -2.75 18.13
C GLN B 302 11.37 -2.75 16.61
N THR B 303 12.28 -1.96 16.03
CA THR B 303 12.53 -2.11 14.63
C THR B 303 13.92 -2.74 14.51
N GLU B 304 13.96 -4.05 14.42
CA GLU B 304 15.20 -4.80 14.62
C GLU B 304 15.92 -5.10 13.30
N ARG B 305 17.15 -5.60 13.39
CA ARG B 305 17.99 -6.02 12.28
C ARG B 305 17.70 -5.23 11.00
N PRO B 306 17.88 -3.88 10.97
CA PRO B 306 17.67 -3.12 9.74
C PRO B 306 18.73 -3.53 8.71
N HIS B 307 18.32 -3.60 7.44
CA HIS B 307 19.26 -3.92 6.36
C HIS B 307 18.68 -3.47 5.01
N TYR B 308 19.60 -3.14 4.08
CA TYR B 308 19.18 -2.63 2.77
C TYR B 308 19.25 -3.65 1.64
N ILE B 309 18.39 -3.43 0.64
CA ILE B 309 18.67 -3.86 -0.73
C ILE B 309 18.77 -2.60 -1.58
N PHE B 310 19.78 -2.50 -2.46
CA PHE B 310 19.84 -1.39 -3.40
C PHE B 310 19.43 -1.89 -4.80
N GLN B 311 18.27 -1.46 -5.32
CA GLN B 311 17.71 -2.05 -6.54
C GLN B 311 16.91 -0.98 -7.28
N ASP B 312 17.02 -0.89 -8.64
CA ASP B 312 16.12 -0.06 -9.44
CA ASP B 312 16.11 -0.06 -9.43
C ASP B 312 16.22 1.41 -9.01
N GLY B 313 17.42 1.85 -8.64
CA GLY B 313 17.65 3.25 -8.28
C GLY B 313 17.10 3.62 -6.89
N LYS B 314 16.71 2.60 -6.10
CA LYS B 314 16.07 2.88 -4.81
C LYS B 314 16.83 2.25 -3.64
N TYR B 315 16.56 2.77 -2.44
CA TYR B 315 17.00 2.19 -1.17
C TYR B 315 15.81 1.49 -0.52
N TYR B 316 15.87 0.18 -0.39
CA TYR B 316 14.84 -0.57 0.30
C TYR B 316 15.41 -0.94 1.67
N LEU B 317 14.81 -0.38 2.72
CA LEU B 317 15.33 -0.55 4.07
C LEU B 317 14.32 -1.43 4.82
N PHE B 318 14.74 -2.64 5.15
CA PHE B 318 13.87 -3.64 5.76
C PHE B 318 14.20 -3.65 7.26
N THR B 319 13.23 -4.06 8.08
CA THR B 319 13.44 -4.14 9.52
C THR B 319 12.44 -5.18 10.01
N ILE B 320 12.73 -5.90 11.10
CA ILE B 320 11.87 -6.98 11.56
CA ILE B 320 11.85 -6.97 11.53
C ILE B 320 11.18 -6.48 12.83
N SER B 321 9.94 -6.93 13.11
CA SER B 321 9.27 -6.46 14.29
C SER B 321 8.30 -7.51 14.77
N HIS B 322 7.75 -7.28 15.96
CA HIS B 322 6.90 -8.27 16.60
C HIS B 322 5.46 -7.74 16.72
N LYS B 323 4.49 -8.67 16.69
CA LYS B 323 3.10 -8.37 17.04
C LYS B 323 3.04 -7.77 18.44
N PHE B 324 3.79 -8.35 19.40
CA PHE B 324 3.66 -7.94 20.78
C PHE B 324 4.51 -6.73 21.16
N THR B 325 5.24 -6.11 20.22
CA THR B 325 5.90 -4.85 20.51
C THR B 325 5.14 -3.65 19.92
N TYR B 326 3.97 -3.90 19.30
CA TYR B 326 3.13 -2.79 18.86
C TYR B 326 2.55 -2.02 20.06
N ALA B 327 2.31 -0.72 19.83
CA ALA B 327 1.57 0.11 20.80
C ALA B 327 0.10 -0.33 20.87
N GLU B 328 -0.57 0.03 21.97
CA GLU B 328 -2.01 -0.13 22.14
C GLU B 328 -2.75 0.50 20.97
N GLY B 329 -3.78 -0.19 20.52
CA GLY B 329 -4.70 0.32 19.50
C GLY B 329 -4.25 -0.05 18.09
N LEU B 330 -3.11 -0.77 17.96
CA LEU B 330 -2.60 -1.19 16.65
C LEU B 330 -2.49 -2.71 16.66
N GLU B 331 -2.52 -3.34 15.48
CA GLU B 331 -2.40 -4.79 15.38
C GLU B 331 -1.57 -5.08 14.14
N GLY B 332 -0.53 -5.89 14.30
CA GLY B 332 0.15 -6.36 13.13
C GLY B 332 0.91 -7.64 13.48
N PRO B 333 1.42 -8.34 12.46
CA PRO B 333 2.10 -9.62 12.67
C PRO B 333 3.59 -9.50 12.97
N ASP B 334 4.15 -10.55 13.55
CA ASP B 334 5.60 -10.72 13.51
C ASP B 334 6.03 -10.84 12.05
N GLY B 335 7.16 -10.21 11.68
CA GLY B 335 7.70 -10.45 10.35
C GLY B 335 8.52 -9.27 9.85
N VAL B 336 8.66 -9.13 8.52
CA VAL B 336 9.51 -8.15 7.88
C VAL B 336 8.64 -6.94 7.54
N TYR B 337 9.19 -5.75 7.79
CA TYR B 337 8.54 -4.49 7.39
C TYR B 337 9.59 -3.76 6.55
N GLY B 338 9.18 -2.71 5.86
CA GLY B 338 10.13 -2.04 5.00
C GLY B 338 9.72 -0.62 4.63
N PHE B 339 10.72 0.19 4.25
CA PHE B 339 10.59 1.57 3.87
C PHE B 339 11.47 1.77 2.64
N VAL B 340 11.01 2.62 1.70
CA VAL B 340 11.71 2.75 0.42
C VAL B 340 11.90 4.22 0.09
N GLY B 341 13.06 4.54 -0.49
CA GLY B 341 13.16 5.87 -1.07
C GLY B 341 14.31 5.98 -2.06
N GLU B 342 14.53 7.19 -2.58
CA GLU B 342 15.60 7.39 -3.55
C GLU B 342 16.88 7.93 -2.93
N HIS B 343 16.88 8.38 -1.66
CA HIS B 343 18.06 9.01 -1.08
C HIS B 343 18.35 8.36 0.29
N LEU B 344 19.63 8.12 0.58
CA LEU B 344 20.01 7.47 1.83
C LEU B 344 19.40 8.21 3.02
N PHE B 345 19.43 9.55 3.03
CA PHE B 345 18.93 10.31 4.16
C PHE B 345 17.42 10.55 4.12
N GLY B 346 16.70 9.91 3.19
CA GLY B 346 15.25 9.98 3.15
C GLY B 346 14.79 11.16 2.29
N PRO B 347 13.49 11.45 2.26
CA PRO B 347 12.51 10.72 3.06
C PRO B 347 12.15 9.34 2.47
N TYR B 348 11.67 8.44 3.34
CA TYR B 348 11.30 7.10 2.91
C TYR B 348 9.79 6.97 3.01
N ARG B 349 9.23 5.99 2.29
CA ARG B 349 7.79 5.72 2.31
C ARG B 349 7.60 4.26 2.72
N PRO B 350 6.50 3.94 3.42
CA PRO B 350 6.29 2.56 3.88
C PRO B 350 5.95 1.64 2.71
N MET B 351 6.61 0.48 2.69
CA MET B 351 6.36 -0.53 1.66
CA MET B 351 6.33 -0.45 1.62
C MET B 351 4.92 -1.02 1.75
N ASN B 352 4.30 -1.26 0.58
CA ASN B 352 2.94 -1.77 0.53
C ASN B 352 1.95 -0.88 1.29
N ALA B 353 2.31 0.42 1.43
CA ALA B 353 1.52 1.46 2.09
C ALA B 353 1.51 1.36 3.63
N SER B 354 1.43 0.13 4.18
CA SER B 354 1.36 -0.04 5.63
C SER B 354 2.76 -0.17 6.27
N GLY B 355 3.71 -0.64 5.46
CA GLY B 355 5.05 -1.01 5.90
C GLY B 355 5.28 -2.51 5.91
N LEU B 356 4.18 -3.29 5.94
CA LEU B 356 4.40 -4.73 6.04
C LEU B 356 4.85 -5.34 4.71
N VAL B 357 5.93 -6.14 4.77
CA VAL B 357 6.54 -6.80 3.60
C VAL B 357 6.23 -8.31 3.66
N LEU B 358 6.49 -8.96 4.82
CA LEU B 358 6.16 -10.37 4.91
C LEU B 358 5.80 -10.68 6.36
N GLY B 359 4.54 -11.02 6.59
CA GLY B 359 4.03 -11.29 7.91
C GLY B 359 3.81 -12.80 8.11
N ASN B 360 4.01 -13.26 9.35
CA ASN B 360 3.57 -14.61 9.64
C ASN B 360 2.07 -14.78 9.44
N PRO B 361 1.65 -16.00 9.01
CA PRO B 361 0.24 -16.28 8.82
C PRO B 361 -0.45 -16.26 10.18
N PRO B 362 -1.67 -15.74 10.30
CA PRO B 362 -2.35 -15.67 11.59
C PRO B 362 -2.63 -17.03 12.23
N GLU B 363 -2.63 -18.12 11.45
CA GLU B 363 -2.85 -19.38 12.16
C GLU B 363 -1.55 -19.95 12.73
N GLN B 364 -0.38 -19.40 12.34
CA GLN B 364 0.91 -19.78 12.97
C GLN B 364 1.73 -18.48 13.16
N PRO B 365 1.27 -17.61 14.09
CA PRO B 365 1.75 -16.23 14.15
C PRO B 365 3.19 -16.05 14.59
N PHE B 366 3.75 -17.10 15.22
CA PHE B 366 5.11 -17.03 15.74
C PHE B 366 5.98 -18.10 15.10
N GLN B 367 5.63 -18.54 13.86
CA GLN B 367 6.39 -19.63 13.23
C GLN B 367 7.82 -19.24 12.87
N THR B 368 8.07 -18.00 12.44
CA THR B 368 9.42 -17.58 12.03
C THR B 368 9.76 -16.18 12.53
N TYR B 369 11.07 -15.89 12.59
CA TYR B 369 11.53 -14.58 12.97
C TYR B 369 12.91 -14.28 12.38
N SER B 370 13.32 -13.01 12.55
CA SER B 370 14.66 -12.56 12.23
CA SER B 370 14.66 -12.50 12.25
C SER B 370 14.98 -12.66 10.76
N HIS B 371 14.01 -12.34 9.93
CA HIS B 371 14.15 -12.49 8.50
C HIS B 371 15.33 -11.65 7.99
N CYS B 372 16.04 -12.20 7.02
CA CYS B 372 17.08 -11.43 6.37
C CYS B 372 16.76 -11.48 4.87
N VAL B 373 16.42 -10.33 4.27
CA VAL B 373 16.12 -10.24 2.85
C VAL B 373 17.45 -10.03 2.11
N MET B 374 17.82 -10.99 1.23
CA MET B 374 19.06 -10.82 0.49
C MET B 374 18.77 -10.25 -0.90
N PRO B 375 19.78 -9.67 -1.57
CA PRO B 375 19.53 -8.94 -2.81
C PRO B 375 19.03 -9.75 -4.00
N ASN B 376 19.15 -11.08 -3.93
CA ASN B 376 18.55 -12.01 -4.88
C ASN B 376 17.07 -12.23 -4.55
N GLY B 377 16.52 -11.50 -3.56
CA GLY B 377 15.12 -11.66 -3.24
C GLY B 377 14.85 -12.79 -2.26
N LEU B 378 15.86 -13.63 -1.96
CA LEU B 378 15.55 -14.73 -1.05
C LEU B 378 15.57 -14.21 0.39
N VAL B 379 14.67 -14.77 1.19
CA VAL B 379 14.49 -14.31 2.57
C VAL B 379 14.69 -15.51 3.48
N THR B 380 15.72 -15.43 4.35
CA THR B 380 15.96 -16.52 5.28
C THR B 380 15.42 -16.09 6.65
N SER B 381 14.89 -17.04 7.42
CA SER B 381 14.44 -16.79 8.80
C SER B 381 14.64 -18.06 9.64
N PHE B 382 14.51 -17.94 10.98
CA PHE B 382 14.57 -19.12 11.83
C PHE B 382 13.16 -19.45 12.31
N ILE B 383 12.98 -20.73 12.68
CA ILE B 383 11.71 -21.19 13.24
C ILE B 383 11.68 -20.94 14.74
N ASP B 384 10.60 -20.30 15.21
CA ASP B 384 10.37 -20.07 16.63
C ASP B 384 9.33 -21.09 17.16
N SER B 385 8.03 -20.87 16.93
CA SER B 385 7.04 -21.79 17.53
C SER B 385 6.02 -22.19 16.46
N VAL B 386 5.71 -23.49 16.36
CA VAL B 386 4.78 -23.93 15.33
C VAL B 386 3.69 -24.78 16.02
N PRO B 387 2.40 -24.48 15.82
CA PRO B 387 1.31 -25.26 16.46
C PRO B 387 1.28 -26.69 15.93
N THR B 388 0.89 -27.66 16.78
CA THR B 388 0.80 -29.07 16.39
C THR B 388 -0.51 -29.68 16.90
N ASP B 389 -0.61 -31.01 16.91
CA ASP B 389 -1.83 -31.73 17.27
C ASP B 389 -2.34 -31.34 18.66
N GLY B 390 -3.58 -30.84 18.69
CA GLY B 390 -4.19 -30.33 19.92
C GLY B 390 -4.04 -28.82 20.00
N GLU B 391 -3.94 -28.31 21.22
CA GLU B 391 -3.62 -26.90 21.42
C GLU B 391 -2.15 -26.78 21.82
N ASP B 392 -1.32 -27.67 21.24
CA ASP B 392 0.09 -27.78 21.61
C ASP B 392 0.97 -27.16 20.52
N TYR B 393 2.29 -27.08 20.79
CA TYR B 393 3.21 -26.48 19.84
C TYR B 393 4.63 -27.02 19.95
N ARG B 394 5.45 -26.75 18.95
CA ARG B 394 6.82 -27.24 18.95
C ARG B 394 7.73 -26.01 18.89
N ILE B 395 8.89 -26.10 19.52
CA ILE B 395 9.94 -25.09 19.43
C ILE B 395 10.89 -25.43 18.30
N GLY B 396 11.30 -24.37 17.58
CA GLY B 396 12.25 -24.50 16.48
C GLY B 396 13.72 -24.40 16.95
N GLY B 397 14.29 -23.19 16.85
CA GLY B 397 15.72 -23.02 17.08
C GLY B 397 16.55 -23.64 15.97
N THR B 398 16.02 -23.53 14.73
CA THR B 398 16.58 -24.11 13.54
C THR B 398 16.10 -23.25 12.36
N GLU B 399 16.72 -23.43 11.18
CA GLU B 399 16.37 -22.57 10.04
C GLU B 399 14.99 -22.91 9.48
N ALA B 400 14.24 -21.86 9.09
CA ALA B 400 12.99 -22.04 8.39
C ALA B 400 13.22 -22.20 6.88
N PRO B 401 12.16 -22.60 6.11
CA PRO B 401 12.26 -22.55 4.65
C PRO B 401 12.55 -21.14 4.17
N THR B 402 13.45 -21.03 3.21
CA THR B 402 13.70 -19.74 2.55
C THR B 402 12.54 -19.48 1.59
N VAL B 403 12.16 -18.21 1.41
CA VAL B 403 11.09 -17.82 0.47
C VAL B 403 11.58 -16.62 -0.35
N ARG B 404 11.16 -16.48 -1.62
CA ARG B 404 11.62 -15.39 -2.45
C ARG B 404 10.50 -14.34 -2.49
N ILE B 405 10.88 -13.08 -2.42
CA ILE B 405 9.93 -11.99 -2.69
C ILE B 405 10.43 -11.24 -3.91
N VAL B 406 9.53 -10.53 -4.61
CA VAL B 406 9.98 -9.61 -5.66
C VAL B 406 9.51 -8.22 -5.29
N LEU B 407 10.33 -7.23 -5.64
CA LEU B 407 10.03 -5.84 -5.33
C LEU B 407 9.60 -5.15 -6.62
N LYS B 408 8.52 -4.37 -6.55
CA LYS B 408 8.07 -3.61 -7.71
C LYS B 408 7.71 -2.23 -7.18
N GLY B 409 8.56 -1.24 -7.45
CA GLY B 409 8.40 0.10 -6.90
C GLY B 409 8.33 0.03 -5.39
N ASP B 410 7.22 0.53 -4.82
CA ASP B 410 7.09 0.66 -3.38
C ASP B 410 6.29 -0.54 -2.86
N ARG B 411 6.19 -1.61 -3.65
CA ARG B 411 5.42 -2.79 -3.22
C ARG B 411 6.26 -4.07 -3.29
N SER B 412 5.77 -5.11 -2.60
CA SER B 412 6.46 -6.39 -2.64
C SER B 412 5.43 -7.52 -2.80
N PHE B 413 5.90 -8.65 -3.35
CA PHE B 413 5.01 -9.80 -3.58
C PHE B 413 5.79 -11.07 -3.20
N VAL B 414 5.16 -11.93 -2.39
CA VAL B 414 5.77 -13.21 -2.04
C VAL B 414 5.67 -14.16 -3.24
N GLN B 415 6.73 -14.97 -3.44
CA GLN B 415 6.84 -15.95 -4.54
C GLN B 415 7.03 -17.35 -3.96
N GLU B 416 7.90 -18.16 -4.60
CA GLU B 416 8.01 -19.56 -4.21
C GLU B 416 8.90 -19.77 -2.98
N GLU B 417 8.71 -20.93 -2.36
CA GLU B 417 9.52 -21.30 -1.20
C GLU B 417 10.53 -22.37 -1.58
N TYR B 418 11.62 -22.42 -0.79
CA TYR B 418 12.78 -23.28 -0.96
C TYR B 418 13.00 -24.10 0.29
N ASP B 419 14.11 -24.87 0.32
CA ASP B 419 14.29 -25.78 1.44
C ASP B 419 14.70 -24.98 2.69
N TYR B 420 14.68 -25.66 3.83
CA TYR B 420 15.09 -25.11 5.14
C TYR B 420 16.51 -24.58 5.08
N GLY B 421 16.70 -23.29 5.44
CA GLY B 421 18.04 -22.75 5.55
C GLY B 421 18.78 -22.61 4.24
N TYR B 422 18.07 -22.58 3.12
CA TYR B 422 18.72 -22.41 1.84
C TYR B 422 19.21 -20.97 1.64
N ILE B 423 20.52 -20.80 1.55
CA ILE B 423 21.17 -19.50 1.50
C ILE B 423 22.29 -19.59 0.47
N PRO B 424 21.94 -19.58 -0.82
CA PRO B 424 22.91 -19.82 -1.88
C PRO B 424 23.76 -18.57 -2.07
N ALA B 425 24.97 -18.77 -2.57
CA ALA B 425 25.82 -17.64 -2.90
C ALA B 425 25.34 -16.92 -4.15
N MET B 426 25.52 -15.60 -4.16
CA MET B 426 25.28 -14.76 -5.32
C MET B 426 26.54 -14.65 -6.17
N LYS B 427 27.70 -14.84 -5.54
CA LYS B 427 29.00 -14.69 -6.18
C LYS B 427 30.00 -15.49 -5.37
N ASP B 428 30.93 -16.14 -6.07
CA ASP B 428 32.04 -16.86 -5.43
C ASP B 428 33.31 -16.01 -5.46
N VAL B 429 34.04 -15.98 -4.35
CA VAL B 429 35.31 -15.27 -4.30
C VAL B 429 36.39 -16.35 -4.14
N GLN B 430 37.32 -16.45 -5.12
CA GLN B 430 38.46 -17.34 -4.98
C GLN B 430 39.57 -16.60 -4.24
N LEU B 431 40.11 -17.21 -3.20
CA LEU B 431 41.11 -16.53 -2.40
C LEU B 431 42.45 -16.58 -3.15
N SER B 432 43.20 -15.48 -3.11
CA SER B 432 44.41 -15.35 -3.91
C SER B 432 45.61 -15.94 -3.16
P PO4 C . -46.77 7.90 -10.83
O1 PO4 C . -46.04 7.15 -11.95
O2 PO4 C . -46.37 9.41 -10.92
O3 PO4 C . -46.36 7.34 -9.49
O4 PO4 C . -48.36 7.75 -10.99
O1 P4K D . -16.20 13.37 -36.28
C1 P4K D . -16.86 13.56 -35.03
C2 P4K D . -16.93 12.25 -34.32
O2 P4K D . -18.31 11.94 -34.10
C3 P4K D . -18.52 10.66 -33.54
C4 P4K D . -19.96 10.30 -33.81
O3 P4K D . -20.30 9.12 -33.09
C5 P4K D . -21.46 8.45 -33.58
C6 P4K D . -22.09 7.68 -32.45
O4 P4K D . -23.20 8.40 -31.91
C7 P4K D . -23.79 7.72 -30.80
C8 P4K D . -24.84 8.57 -30.15
O5 P4K D . -25.66 9.24 -31.14
C9 P4K D . -26.62 8.37 -31.76
C10 P4K D . -27.73 9.18 -32.41
O6 P4K D . -27.18 10.06 -33.41
C11 P4K D . -28.20 10.82 -34.07
C12 P4K D . -27.68 11.67 -35.19
O7 P4K D . -26.72 12.62 -34.69
C13 P4K D . -26.60 13.79 -35.49
C14 P4K D . -26.36 14.99 -34.66
C ACT E . -38.75 18.15 -8.02
O ACT E . -38.91 17.68 -9.18
OXT ACT E . -38.20 17.52 -7.08
CH3 ACT E . -39.33 19.53 -7.71
C1 GOL F . -18.05 -8.52 -18.59
O1 GOL F . -18.08 -8.92 -17.22
C2 GOL F . -19.46 -8.32 -19.09
O2 GOL F . -20.02 -9.61 -19.32
C3 GOL F . -19.54 -7.47 -20.34
O3 GOL F . -18.84 -8.10 -21.42
C1 GOL G . -38.03 5.32 0.22
O1 GOL G . -37.37 6.58 0.23
C2 GOL G . -37.04 4.26 -0.21
O2 GOL G . -35.80 4.49 0.51
C3 GOL G . -37.56 2.84 -0.04
O3 GOL G . -36.72 1.87 -0.70
C1 GOL H . -10.52 15.68 -13.21
O1 GOL H . -10.18 15.19 -14.50
C2 GOL H . -10.62 17.19 -13.18
O2 GOL H . -11.79 17.56 -12.45
C3 GOL H . -9.41 17.86 -12.59
O3 GOL H . -9.02 18.98 -13.37
C1 GOL I . -21.73 20.77 6.19
O1 GOL I . -21.70 19.54 6.91
C2 GOL I . -22.97 21.53 6.56
O2 GOL I . -23.32 21.24 7.91
C3 GOL I . -22.90 23.03 6.34
O3 GOL I . -21.56 23.47 6.48
P PO4 J . 22.34 -31.62 29.11
O1 PO4 J . 21.06 -32.04 28.42
O2 PO4 J . 23.48 -31.52 28.02
O3 PO4 J . 22.72 -32.71 30.18
O4 PO4 J . 22.13 -30.25 29.75
S SCN K . 18.68 -10.51 19.86
C SCN K . 18.96 -11.81 20.69
N SCN K . 19.14 -12.93 21.23
O1 MES L . 36.32 -10.23 -2.40
C2 MES L . 36.12 -9.51 -1.19
C3 MES L . 35.31 -8.24 -1.35
N4 MES L . 35.85 -7.42 -2.48
C5 MES L . 35.88 -8.24 -3.72
C6 MES L . 36.78 -9.44 -3.49
C7 MES L . 35.18 -6.10 -2.68
C8 MES L . 33.78 -6.01 -2.11
S MES L . 33.19 -4.34 -2.03
O1S MES L . 31.81 -4.42 -1.59
O2S MES L . 33.30 -3.82 -3.37
O3S MES L . 34.06 -3.65 -1.10
C1 GOL M . 11.61 -30.83 19.32
O1 GOL M . 12.59 -30.53 18.34
C2 GOL M . 10.86 -29.56 19.66
O2 GOL M . 10.33 -29.00 18.46
C3 GOL M . 9.80 -29.72 20.74
O3 GOL M . 9.24 -28.46 21.13
C1 GOL N . 8.17 -0.85 25.86
O1 GOL N . 7.01 -1.51 25.39
C2 GOL N . 8.88 -1.72 26.90
O2 GOL N . 8.17 -1.68 28.14
C3 GOL N . 10.30 -1.27 27.14
O3 GOL N . 10.34 0.11 27.50
C1 GOL O . 18.62 -26.08 -3.87
O1 GOL O . 19.20 -27.32 -4.26
C2 GOL O . 17.16 -26.27 -3.52
O2 GOL O . 16.97 -27.50 -2.80
C3 GOL O . 16.57 -25.18 -2.67
O3 GOL O . 15.30 -25.59 -2.19
C1 GOL P . 23.51 -4.19 1.77
O1 GOL P . 24.82 -3.67 1.84
C2 GOL P . 22.96 -4.39 3.15
O2 GOL P . 23.18 -5.71 3.64
C3 GOL P . 23.38 -3.31 4.13
O3 GOL P . 22.29 -3.01 4.99
#